data_5OIV
#
_entry.id   5OIV
#
_cell.length_a   85.921
_cell.length_b   159.126
_cell.length_c   88.161
_cell.angle_alpha   90.00
_cell.angle_beta   90.00
_cell.angle_gamma   90.00
#
_symmetry.space_group_name_H-M   'P 21 21 2'
#
loop_
_entity.id
_entity.type
_entity.pdbx_description
1 polymer Hydrolase
2 non-polymer GLYCEROL
3 non-polymer SERINE
4 non-polymer GLYCINE
5 water water
#
_entity_poly.entity_id   1
_entity_poly.type   'polypeptide(L)'
_entity_poly.pdbx_seq_one_letter_code
;GAMPHDPSFTPTQLAARAAYLLRGNDLGTMTTAAPLLYPHMWSWAAAFVAIGLAPLSVERAVVELDTLLSAQWRNGMIPH
IVFANGVDGYFPGPARWATATLADNAPRNRLTSGITQPPVHAIAVQRILEHARTRGRSTRAVAEAFLDRRWGDLMRWHRW
LAECRDRNERGRITLYHGWESGMDNSPRWDSAYANVVPGKLPEYQRADNVIITDPSQRPSDGEYDRYLWLLEEMKAVRYD
DERLPSVMSFQVEDVFFSAIFSVACQVLAEIGEDYKRPHADVKDLYLWAERFRAGVVETTDQRTGAARDFDVLAEKWLVT
ETAAQFAPLLCGGLPHDRERALLKLLEGPRFCGHPDLKYGLIPSTSPVSRDFRPREYWRGPVWPVLTWLFSWCFARRGWA
ERARLLRQEGLRQASDGSFAEYYEPFTGEPLGSMQQSWTAAAVLDWLG
;
_entity_poly.pdbx_strand_id   A,B
#
# COMPACT_ATOMS: atom_id res chain seq x y z
N PRO A 4 -10.89 16.74 32.48
CA PRO A 4 -11.64 15.48 32.62
C PRO A 4 -10.76 14.25 32.49
N HIS A 5 -11.36 13.07 32.59
CA HIS A 5 -10.58 11.83 32.68
C HIS A 5 -9.87 11.50 31.37
N ASP A 6 -10.29 12.07 30.26
CA ASP A 6 -9.58 11.88 29.00
C ASP A 6 -9.81 13.09 28.10
N PRO A 7 -8.78 13.87 27.81
CA PRO A 7 -8.94 15.07 26.97
C PRO A 7 -9.00 14.80 25.48
N SER A 8 -9.03 13.54 25.04
CA SER A 8 -8.95 13.27 23.61
C SER A 8 -10.31 13.42 22.93
N PHE A 9 -10.26 13.72 21.64
CA PHE A 9 -11.45 13.84 20.81
C PHE A 9 -11.72 12.54 20.04
N THR A 10 -13.00 12.30 19.75
CA THR A 10 -13.39 11.18 18.87
C THR A 10 -12.96 11.49 17.44
N PRO A 11 -12.94 10.47 16.56
CA PRO A 11 -12.55 10.73 15.17
C PRO A 11 -13.41 11.79 14.50
N THR A 12 -14.74 11.79 14.71
CA THR A 12 -15.55 12.82 14.06
C THR A 12 -15.28 14.18 14.65
N GLN A 13 -15.16 14.27 15.98
CA GLN A 13 -14.82 15.57 16.58
C GLN A 13 -13.49 16.09 16.07
N LEU A 14 -12.49 15.18 15.97
CA LEU A 14 -11.16 15.60 15.52
C LEU A 14 -11.16 16.04 14.07
N ALA A 15 -11.84 15.29 13.19
CA ALA A 15 -11.95 15.71 11.80
C ALA A 15 -12.61 17.06 11.68
N ALA A 16 -13.71 17.26 12.42
CA ALA A 16 -14.42 18.53 12.41
C ALA A 16 -13.50 19.66 12.86
N ARG A 17 -12.75 19.44 13.94
N ARG A 17 -12.77 19.45 13.96
CA ARG A 17 -11.89 20.51 14.45
CA ARG A 17 -11.88 20.51 14.45
C ARG A 17 -10.71 20.77 13.53
C ARG A 17 -10.75 20.79 13.46
N ALA A 18 -10.26 19.76 12.77
CA ALA A 18 -9.18 19.97 11.79
C ALA A 18 -9.67 20.81 10.63
N ALA A 19 -10.85 20.49 10.09
CA ALA A 19 -11.40 21.29 9.02
C ALA A 19 -11.69 22.72 9.47
N TYR A 20 -12.21 22.87 10.69
CA TYR A 20 -12.46 24.22 11.23
C TYR A 20 -11.17 25.05 11.25
N LEU A 21 -10.08 24.45 11.70
CA LEU A 21 -8.78 25.11 11.72
C LEU A 21 -8.37 25.54 10.31
N LEU A 22 -8.42 24.62 9.36
CA LEU A 22 -7.91 24.92 8.01
C LEU A 22 -8.72 26.03 7.37
N ARG A 23 -10.05 26.02 7.55
CA ARG A 23 -10.81 27.16 7.06
C ARG A 23 -10.46 28.43 7.83
N GLY A 24 -10.16 28.33 9.13
CA GLY A 24 -9.84 29.55 9.87
C GLY A 24 -8.53 30.19 9.40
N ASN A 25 -7.60 29.38 8.89
CA ASN A 25 -6.31 29.88 8.40
C ASN A 25 -6.35 30.33 6.94
N ASP A 26 -7.52 30.30 6.30
CA ASP A 26 -7.67 30.68 4.90
C ASP A 26 -7.77 32.20 4.80
N LEU A 27 -6.83 32.82 4.11
CA LEU A 27 -6.95 34.26 3.87
C LEU A 27 -7.83 34.60 2.68
N GLY A 28 -8.26 33.61 1.90
CA GLY A 28 -9.08 33.87 0.72
C GLY A 28 -8.65 32.99 -0.46
N THR A 29 -7.42 33.18 -0.92
CA THR A 29 -6.85 32.29 -1.93
C THR A 29 -5.55 31.65 -1.47
N MET A 30 -5.11 31.90 -0.24
CA MET A 30 -3.96 31.18 0.32
C MET A 30 -4.26 30.90 1.78
N THR A 31 -3.72 29.81 2.28
CA THR A 31 -3.85 29.40 3.68
C THR A 31 -2.54 29.66 4.40
N THR A 32 -2.59 30.31 5.56
CA THR A 32 -1.34 30.51 6.27
C THR A 32 -0.87 29.18 6.85
N ALA A 33 0.45 29.02 7.02
CA ALA A 33 0.97 27.79 7.61
C ALA A 33 0.58 27.67 9.09
N ALA A 34 0.44 28.81 9.77
CA ALA A 34 -0.10 28.88 11.12
C ALA A 34 -0.68 30.29 11.31
N PRO A 35 -1.47 30.52 12.37
CA PRO A 35 -2.14 31.83 12.48
C PRO A 35 -1.21 33.02 12.70
N LEU A 36 -0.20 32.88 13.54
CA LEU A 36 0.64 34.01 13.86
C LEU A 36 2.11 33.76 13.56
N LEU A 37 2.59 32.54 13.81
CA LEU A 37 4.02 32.29 13.66
C LEU A 37 4.42 32.32 12.20
N TYR A 38 3.54 31.83 11.32
CA TYR A 38 3.82 31.67 9.90
C TYR A 38 2.67 32.23 9.10
N PRO A 39 2.47 33.57 9.10
CA PRO A 39 1.21 34.12 8.57
C PRO A 39 1.24 34.36 7.05
N HIS A 40 1.89 33.48 6.32
CA HIS A 40 2.05 33.56 4.87
C HIS A 40 1.90 32.17 4.32
N MET A 41 2.03 32.02 3.00
CA MET A 41 2.00 30.71 2.38
C MET A 41 3.41 30.18 2.24
N TRP A 42 3.68 29.00 2.78
CA TRP A 42 4.94 28.31 2.53
C TRP A 42 4.70 27.26 1.46
N SER A 43 5.71 27.03 0.64
CA SER A 43 5.57 26.18 -0.53
C SER A 43 5.26 24.71 -0.16
N TRP A 44 6.11 24.06 0.62
CA TRP A 44 5.75 22.66 0.83
C TRP A 44 4.60 22.54 1.82
N ALA A 45 4.39 23.54 2.68
CA ALA A 45 3.17 23.57 3.48
C ALA A 45 1.94 23.69 2.59
N ALA A 46 1.99 24.53 1.54
CA ALA A 46 0.82 24.65 0.67
C ALA A 46 0.45 23.33 0.02
N ALA A 47 1.44 22.51 -0.32
CA ALA A 47 1.13 21.17 -0.86
C ALA A 47 0.35 20.37 0.17
N PHE A 48 0.82 20.37 1.42
CA PHE A 48 0.14 19.57 2.45
C PHE A 48 -1.24 20.18 2.77
N VAL A 49 -1.37 21.51 2.75
CA VAL A 49 -2.69 22.12 2.90
C VAL A 49 -3.62 21.70 1.78
N ALA A 50 -3.13 21.63 0.53
CA ALA A 50 -4.01 21.18 -0.56
C ALA A 50 -4.49 19.74 -0.33
N ILE A 51 -3.64 18.89 0.24
CA ILE A 51 -4.04 17.52 0.59
C ILE A 51 -5.14 17.54 1.64
N GLY A 52 -5.00 18.42 2.64
CA GLY A 52 -6.03 18.53 3.67
C GLY A 52 -7.34 19.10 3.16
N LEU A 53 -7.28 19.98 2.16
CA LEU A 53 -8.48 20.58 1.59
C LEU A 53 -9.21 19.64 0.65
N ALA A 54 -8.49 18.71 0.03
CA ALA A 54 -9.11 17.87 -0.99
C ALA A 54 -10.35 17.13 -0.50
N PRO A 55 -10.41 16.57 0.72
CA PRO A 55 -11.67 15.94 1.17
C PRO A 55 -12.76 16.93 1.43
N LEU A 56 -12.43 18.22 1.55
CA LEU A 56 -13.40 19.26 1.90
C LEU A 56 -13.94 20.00 0.66
N SER A 57 -13.04 20.34 -0.28
CA SER A 57 -13.40 21.11 -1.47
C SER A 57 -12.30 20.91 -2.50
N VAL A 58 -12.57 20.13 -3.55
CA VAL A 58 -11.57 19.98 -4.60
C VAL A 58 -11.29 21.34 -5.22
N GLU A 59 -12.33 22.17 -5.40
CA GLU A 59 -12.13 23.49 -5.98
C GLU A 59 -11.18 24.33 -5.13
N ARG A 60 -11.34 24.31 -3.82
CA ARG A 60 -10.45 25.14 -3.01
C ARG A 60 -9.05 24.55 -2.89
N ALA A 61 -8.93 23.21 -2.94
CA ALA A 61 -7.60 22.62 -2.96
C ALA A 61 -6.84 23.05 -4.22
N VAL A 62 -7.53 23.07 -5.36
CA VAL A 62 -6.93 23.50 -6.62
C VAL A 62 -6.53 24.97 -6.52
N VAL A 63 -7.38 25.79 -5.89
CA VAL A 63 -7.04 27.21 -5.72
C VAL A 63 -5.72 27.37 -4.97
N GLU A 64 -5.51 26.56 -3.93
CA GLU A 64 -4.28 26.70 -3.16
C GLU A 64 -3.05 26.49 -4.03
N LEU A 65 -3.06 25.43 -4.86
CA LEU A 65 -1.92 25.18 -5.74
C LEU A 65 -1.82 26.24 -6.85
N ASP A 66 -2.96 26.71 -7.36
CA ASP A 66 -2.93 27.79 -8.36
C ASP A 66 -2.27 29.04 -7.79
N THR A 67 -2.59 29.37 -6.55
CA THR A 67 -2.00 30.56 -5.93
C THR A 67 -0.50 30.41 -5.80
N LEU A 68 -0.05 29.27 -5.30
CA LEU A 68 1.39 29.00 -5.24
C LEU A 68 2.03 29.09 -6.63
N LEU A 69 1.46 28.38 -7.63
CA LEU A 69 2.08 28.39 -8.95
C LEU A 69 2.03 29.77 -9.61
N SER A 70 1.08 30.62 -9.24
CA SER A 70 1.12 31.97 -9.78
C SER A 70 2.32 32.76 -9.26
N ALA A 71 2.99 32.29 -8.20
CA ALA A 71 4.18 32.97 -7.69
C ALA A 71 5.45 32.31 -8.19
N GLN A 72 5.34 31.34 -9.08
CA GLN A 72 6.53 30.69 -9.62
C GLN A 72 7.41 31.66 -10.38
N TRP A 73 8.72 31.50 -10.20
CA TRP A 73 9.68 32.36 -10.87
C TRP A 73 9.75 32.06 -12.36
N ARG A 74 10.29 33.03 -13.12
N ARG A 74 10.29 33.00 -13.12
CA ARG A 74 10.36 32.91 -14.57
CA ARG A 74 10.34 32.91 -14.57
C ARG A 74 11.17 31.68 -14.99
C ARG A 74 11.32 31.84 -15.06
N ASN A 75 12.12 31.26 -14.16
CA ASN A 75 12.98 30.14 -14.52
C ASN A 75 12.41 28.82 -14.02
N GLY A 76 11.25 28.82 -13.39
CA GLY A 76 10.60 27.61 -12.93
C GLY A 76 10.69 27.37 -11.44
N MET A 77 11.56 28.08 -10.72
CA MET A 77 11.64 27.88 -9.28
C MET A 77 10.34 28.24 -8.58
N ILE A 78 9.86 27.36 -7.70
CA ILE A 78 8.80 27.70 -6.76
C ILE A 78 9.46 28.23 -5.48
N PRO A 79 9.24 29.49 -5.12
CA PRO A 79 9.88 30.04 -3.91
C PRO A 79 9.23 29.48 -2.65
N HIS A 80 9.97 29.50 -1.55
CA HIS A 80 9.47 28.80 -0.38
C HIS A 80 8.45 29.61 0.41
N ILE A 81 8.35 30.93 0.19
CA ILE A 81 7.31 31.75 0.81
C ILE A 81 6.67 32.59 -0.27
N VAL A 82 5.34 32.64 -0.24
CA VAL A 82 4.55 33.63 -0.97
C VAL A 82 3.91 34.49 0.10
N PHE A 83 4.30 35.75 0.15
CA PHE A 83 3.86 36.61 1.24
C PHE A 83 2.43 37.09 1.02
N ALA A 84 1.68 37.19 2.11
CA ALA A 84 0.35 37.75 2.04
C ALA A 84 0.45 39.26 1.98
N ASN A 85 -0.44 39.89 1.24
CA ASN A 85 -0.32 41.34 1.11
C ASN A 85 -0.60 42.02 2.45
N GLY A 86 0.29 42.93 2.84
CA GLY A 86 0.07 43.76 4.01
C GLY A 86 0.19 43.06 5.34
N VAL A 87 0.87 41.92 5.41
CA VAL A 87 0.94 41.10 6.61
C VAL A 87 2.33 41.23 7.21
N ASP A 88 2.40 41.66 8.47
CA ASP A 88 3.63 41.77 9.24
C ASP A 88 3.68 40.68 10.33
N GLY A 89 4.67 40.79 11.21
CA GLY A 89 4.84 39.82 12.27
C GLY A 89 5.62 38.57 11.91
N TYR A 90 6.13 38.46 10.69
CA TYR A 90 7.08 37.42 10.32
C TYR A 90 8.38 38.06 9.82
N PHE A 91 9.53 37.59 10.33
CA PHE A 91 10.84 38.02 9.83
C PHE A 91 11.68 36.82 9.42
N PRO A 92 12.36 36.85 8.25
CA PRO A 92 12.51 37.99 7.32
C PRO A 92 11.32 38.16 6.37
N GLY A 93 10.81 39.39 6.31
CA GLY A 93 9.74 39.72 5.40
C GLY A 93 10.25 40.14 4.04
N PRO A 94 9.33 40.56 3.16
CA PRO A 94 9.70 40.80 1.76
C PRO A 94 10.75 41.90 1.58
N ALA A 95 10.75 42.89 2.48
CA ALA A 95 11.76 43.93 2.42
C ALA A 95 13.17 43.35 2.57
N ARG A 96 13.32 42.37 3.47
CA ARG A 96 14.64 41.81 3.75
C ARG A 96 15.16 41.00 2.55
N TRP A 97 14.28 40.24 1.90
CA TRP A 97 14.65 39.45 0.72
C TRP A 97 14.95 40.34 -0.48
N ALA A 98 14.15 41.40 -0.67
CA ALA A 98 14.33 42.35 -1.77
C ALA A 98 14.31 41.66 -3.12
N THR A 99 13.59 40.56 -3.25
CA THR A 99 13.56 39.88 -4.55
C THR A 99 12.79 40.70 -5.59
N ALA A 100 11.80 41.48 -5.15
CA ALA A 100 11.04 42.30 -6.07
C ALA A 100 11.95 43.25 -6.82
N THR A 101 12.92 43.83 -6.12
CA THR A 101 13.82 44.79 -6.74
C THR A 101 15.03 44.11 -7.37
N LEU A 102 15.54 43.02 -6.78
CA LEU A 102 16.83 42.49 -7.20
C LEU A 102 16.74 41.31 -8.17
N ALA A 103 15.70 40.49 -8.10
CA ALA A 103 15.70 39.19 -8.78
C ALA A 103 15.02 39.32 -10.14
N ASP A 104 15.80 39.18 -11.21
CA ASP A 104 15.26 39.23 -12.56
C ASP A 104 14.17 38.19 -12.81
N ASN A 105 14.16 37.07 -12.08
CA ASN A 105 13.21 36.00 -12.35
C ASN A 105 12.01 36.04 -11.43
N ALA A 106 11.96 36.98 -10.49
CA ALA A 106 10.86 37.03 -9.53
C ALA A 106 9.55 37.35 -10.25
N PRO A 107 8.43 36.90 -9.71
CA PRO A 107 7.14 37.14 -10.38
C PRO A 107 6.73 38.60 -10.24
N ARG A 108 5.91 39.04 -11.19
N ARG A 108 5.86 39.04 -11.16
CA ARG A 108 5.30 40.36 -11.10
CA ARG A 108 5.44 40.45 -11.18
C ARG A 108 4.01 40.25 -10.30
C ARG A 108 4.20 40.72 -10.36
N ASN A 109 3.81 41.19 -9.38
N ASN A 109 3.41 39.70 -10.03
CA ASN A 109 2.58 41.32 -8.59
CA ASN A 109 2.12 39.90 -9.36
C ASN A 109 2.34 40.16 -7.62
C ASN A 109 2.19 39.63 -7.87
N ARG A 110 3.37 39.36 -7.31
CA ARG A 110 3.45 38.59 -6.08
C ARG A 110 4.75 38.95 -5.37
N LEU A 111 4.73 38.96 -4.03
CA LEU A 111 5.94 39.10 -3.21
C LEU A 111 6.34 37.73 -2.70
N THR A 112 7.62 37.33 -2.88
CA THR A 112 8.06 35.99 -2.52
C THR A 112 9.45 36.06 -1.91
N SER A 113 9.86 34.93 -1.30
CA SER A 113 11.25 34.74 -0.91
C SER A 113 12.09 34.42 -2.14
N GLY A 114 13.38 34.15 -1.91
CA GLY A 114 14.31 33.94 -2.99
C GLY A 114 15.00 32.58 -2.95
N ILE A 115 14.48 31.65 -2.15
CA ILE A 115 15.00 30.28 -2.08
C ILE A 115 13.83 29.34 -2.36
N THR A 116 14.13 28.04 -2.40
CA THR A 116 13.13 27.03 -2.78
C THR A 116 12.82 26.09 -1.59
N GLN A 117 12.07 25.00 -1.84
CA GLN A 117 11.69 24.04 -0.80
C GLN A 117 11.25 22.74 -1.48
N PRO A 118 11.05 21.65 -0.72
CA PRO A 118 10.94 20.33 -1.36
C PRO A 118 9.75 20.20 -2.27
N PRO A 119 9.87 19.39 -3.33
CA PRO A 119 8.81 19.28 -4.35
C PRO A 119 7.76 18.22 -4.00
N VAL A 120 7.04 18.43 -2.89
CA VAL A 120 5.94 17.55 -2.53
C VAL A 120 4.68 17.82 -3.34
N HIS A 121 4.71 18.82 -4.23
CA HIS A 121 3.52 19.30 -4.91
C HIS A 121 2.84 18.23 -5.74
N ALA A 122 3.62 17.40 -6.44
CA ALA A 122 3.00 16.34 -7.24
C ALA A 122 2.18 15.38 -6.39
N ILE A 123 2.63 15.13 -5.16
CA ILE A 123 1.88 14.25 -4.25
C ILE A 123 0.52 14.85 -3.95
N ALA A 124 0.48 16.17 -3.73
CA ALA A 124 -0.80 16.84 -3.51
C ALA A 124 -1.67 16.76 -4.74
N VAL A 125 -1.08 16.86 -5.94
CA VAL A 125 -1.87 16.73 -7.16
C VAL A 125 -2.49 15.34 -7.25
N GLN A 126 -1.72 14.30 -6.91
CA GLN A 126 -2.28 12.94 -6.93
C GLN A 126 -3.47 12.84 -5.98
N ARG A 127 -3.33 13.36 -4.75
CA ARG A 127 -4.43 13.24 -3.78
C ARG A 127 -5.65 14.00 -4.26
N ILE A 128 -5.46 15.17 -4.87
CA ILE A 128 -6.61 15.88 -5.40
C ILE A 128 -7.31 15.07 -6.48
N LEU A 129 -6.54 14.48 -7.39
CA LEU A 129 -7.15 13.69 -8.46
C LEU A 129 -7.87 12.48 -7.90
N GLU A 130 -7.28 11.83 -6.89
CA GLU A 130 -7.94 10.64 -6.32
C GLU A 130 -9.27 11.01 -5.66
N HIS A 131 -9.30 12.12 -4.91
CA HIS A 131 -10.57 12.60 -4.36
C HIS A 131 -11.54 12.98 -5.47
N ALA A 132 -11.07 13.72 -6.47
CA ALA A 132 -11.99 14.17 -7.50
C ALA A 132 -12.65 13.01 -8.22
N ARG A 133 -11.88 11.96 -8.50
CA ARG A 133 -12.44 10.81 -9.20
C ARG A 133 -13.53 10.11 -8.38
N THR A 134 -13.57 10.27 -7.06
CA THR A 134 -14.67 9.69 -6.27
C THR A 134 -15.88 10.59 -6.21
N ARG A 135 -15.81 11.82 -6.74
N ARG A 135 -15.81 11.82 -6.75
CA ARG A 135 -16.84 12.82 -6.51
CA ARG A 135 -16.82 12.83 -6.50
C ARG A 135 -17.75 13.07 -7.69
C ARG A 135 -17.71 13.13 -7.71
N GLY A 136 -17.45 12.55 -8.87
CA GLY A 136 -18.34 12.73 -10.00
C GLY A 136 -17.83 13.75 -11.00
N ARG A 137 -18.67 13.99 -12.02
CA ARG A 137 -18.18 14.56 -13.27
C ARG A 137 -17.73 16.02 -13.11
N SER A 138 -18.55 16.86 -12.46
CA SER A 138 -18.17 18.27 -12.39
C SER A 138 -16.90 18.46 -11.54
N THR A 139 -16.71 17.60 -10.54
CA THR A 139 -15.50 17.68 -9.73
C THR A 139 -14.29 17.15 -10.50
N ARG A 140 -14.46 16.06 -11.25
CA ARG A 140 -13.36 15.60 -12.10
C ARG A 140 -12.98 16.70 -13.10
N ALA A 141 -13.98 17.37 -13.68
CA ALA A 141 -13.69 18.45 -14.64
C ALA A 141 -12.85 19.57 -14.01
N VAL A 142 -13.10 19.88 -12.73
CA VAL A 142 -12.33 20.91 -12.04
C VAL A 142 -10.88 20.50 -11.93
N ALA A 143 -10.64 19.25 -11.51
CA ALA A 143 -9.27 18.79 -11.35
C ALA A 143 -8.57 18.66 -12.70
N GLU A 144 -9.30 18.24 -13.74
CA GLU A 144 -8.69 18.08 -15.05
C GLU A 144 -8.35 19.43 -15.66
N ALA A 145 -9.20 20.42 -15.43
CA ALA A 145 -8.88 21.76 -15.92
C ALA A 145 -7.65 22.33 -15.21
N PHE A 146 -7.48 22.01 -13.92
CA PHE A 146 -6.23 22.38 -13.24
C PHE A 146 -5.02 21.77 -13.95
N LEU A 147 -5.08 20.46 -14.29
CA LEU A 147 -3.96 19.87 -15.04
C LEU A 147 -3.72 20.58 -16.35
N ASP A 148 -4.79 20.90 -17.10
CA ASP A 148 -4.60 21.60 -18.36
C ASP A 148 -3.89 22.92 -18.14
N ARG A 149 -4.26 23.61 -17.09
CA ARG A 149 -3.76 24.95 -16.83
C ARG A 149 -2.34 24.93 -16.26
N ARG A 150 -2.00 23.92 -15.45
CA ARG A 150 -0.75 23.98 -14.69
C ARG A 150 0.24 22.87 -14.98
N TRP A 151 -0.06 21.91 -15.86
CA TRP A 151 0.91 20.87 -16.17
C TRP A 151 2.25 21.48 -16.59
N GLY A 152 2.21 22.48 -17.47
CA GLY A 152 3.44 23.10 -17.93
C GLY A 152 4.24 23.73 -16.80
N ASP A 153 3.54 24.39 -15.87
CA ASP A 153 4.23 24.99 -14.73
C ASP A 153 4.86 23.94 -13.83
N LEU A 154 4.15 22.85 -13.58
CA LEU A 154 4.73 21.76 -12.80
C LEU A 154 5.93 21.17 -13.50
N MET A 155 5.87 21.01 -14.82
CA MET A 155 7.05 20.52 -15.55
C MET A 155 8.23 21.46 -15.40
N ARG A 156 7.98 22.78 -15.52
N ARG A 156 7.98 22.77 -15.51
CA ARG A 156 9.05 23.77 -15.40
CA ARG A 156 9.06 23.75 -15.41
C ARG A 156 9.66 23.78 -14.01
C ARG A 156 9.66 23.79 -14.01
N TRP A 157 8.85 23.51 -12.99
CA TRP A 157 9.35 23.35 -11.62
C TRP A 157 10.28 22.15 -11.51
N HIS A 158 9.84 20.98 -11.97
CA HIS A 158 10.72 19.81 -11.90
C HIS A 158 11.97 20.01 -12.77
N ARG A 159 11.81 20.64 -13.95
CA ARG A 159 12.97 20.85 -14.81
C ARG A 159 13.98 21.79 -14.16
N TRP A 160 13.50 22.84 -13.50
CA TRP A 160 14.42 23.76 -12.83
C TRP A 160 15.25 23.03 -11.78
N LEU A 161 14.60 22.21 -10.97
CA LEU A 161 15.32 21.42 -9.98
C LEU A 161 16.35 20.52 -10.67
N ALA A 162 15.93 19.81 -11.71
CA ALA A 162 16.82 18.82 -12.32
C ALA A 162 17.98 19.48 -13.04
N GLU A 163 17.74 20.63 -13.69
CA GLU A 163 18.78 21.25 -14.49
C GLU A 163 19.61 22.26 -13.70
N CYS A 164 19.00 23.00 -12.79
CA CYS A 164 19.68 24.09 -12.11
C CYS A 164 20.20 23.75 -10.73
N ARG A 165 19.60 22.78 -10.04
CA ARG A 165 20.11 22.35 -8.73
C ARG A 165 20.75 20.96 -8.79
N ASP A 166 20.90 20.39 -9.99
CA ASP A 166 21.71 19.21 -10.20
C ASP A 166 22.49 19.41 -11.50
N ARG A 167 23.35 20.44 -11.50
N ARG A 167 23.24 20.51 -11.53
CA ARG A 167 24.06 20.88 -12.70
CA ARG A 167 24.11 20.86 -12.65
C ARG A 167 25.13 19.89 -13.16
C ARG A 167 24.87 19.66 -13.20
N ASN A 168 25.54 18.93 -12.34
CA ASN A 168 26.46 17.89 -12.74
C ASN A 168 25.79 16.54 -12.92
N GLU A 169 24.44 16.51 -12.94
CA GLU A 169 23.66 15.29 -13.09
C GLU A 169 24.17 14.19 -12.17
N ARG A 170 24.33 14.54 -10.91
CA ARG A 170 24.64 13.57 -9.86
C ARG A 170 23.39 12.92 -9.27
N GLY A 171 22.20 13.39 -9.63
CA GLY A 171 21.01 12.80 -9.04
C GLY A 171 20.81 13.20 -7.60
N ARG A 172 21.36 14.33 -7.17
CA ARG A 172 21.03 14.90 -5.88
C ARG A 172 20.84 16.40 -6.03
N ILE A 173 19.93 16.96 -5.23
CA ILE A 173 19.62 18.40 -5.25
C ILE A 173 20.58 19.14 -4.33
N THR A 174 21.25 20.17 -4.89
CA THR A 174 22.05 21.11 -4.10
C THR A 174 21.15 22.19 -3.50
N LEU A 175 21.35 22.46 -2.20
CA LEU A 175 20.71 23.58 -1.51
C LEU A 175 21.71 24.67 -1.20
N TYR A 176 21.27 25.94 -1.23
CA TYR A 176 22.12 27.07 -0.84
C TYR A 176 21.66 27.70 0.46
N HIS A 177 20.72 27.07 1.14
CA HIS A 177 20.23 27.53 2.43
C HIS A 177 19.61 26.33 3.14
N GLY A 178 19.91 26.17 4.42
CA GLY A 178 19.25 25.14 5.19
C GLY A 178 17.72 25.26 5.21
N TRP A 179 17.19 26.48 5.06
CA TRP A 179 15.73 26.63 5.01
C TRP A 179 15.12 25.87 3.84
N GLU A 180 15.89 25.68 2.77
CA GLU A 180 15.38 24.96 1.61
C GLU A 180 15.15 23.49 1.90
N SER A 181 15.79 22.95 2.95
CA SER A 181 15.56 21.54 3.30
C SER A 181 14.24 21.32 4.00
N GLY A 182 13.57 22.39 4.44
CA GLY A 182 12.43 22.26 5.34
C GLY A 182 12.80 21.91 6.76
N MET A 183 14.07 21.59 7.03
CA MET A 183 14.48 21.19 8.38
C MET A 183 15.51 22.18 8.89
N ASP A 184 15.03 23.39 9.25
CA ASP A 184 15.89 24.57 9.41
C ASP A 184 17.14 24.29 10.23
N ASN A 185 16.97 23.75 11.44
CA ASN A 185 18.07 23.62 12.39
C ASN A 185 18.44 22.15 12.62
N SER A 186 18.23 21.34 11.61
CA SER A 186 18.58 19.93 11.72
C SER A 186 20.08 19.78 12.00
N PRO A 187 20.47 18.81 12.82
CA PRO A 187 21.89 18.50 12.98
C PRO A 187 22.59 18.19 11.66
N ARG A 188 21.81 17.81 10.65
CA ARG A 188 22.38 17.56 9.32
C ARG A 188 23.26 18.71 8.84
N TRP A 189 22.90 19.95 9.19
CA TRP A 189 23.55 21.11 8.58
C TRP A 189 24.57 21.77 9.49
N ASP A 190 24.79 21.23 10.69
CA ASP A 190 25.64 21.93 11.65
C ASP A 190 27.05 22.13 11.14
N SER A 191 27.65 21.10 10.55
CA SER A 191 29.04 21.29 10.14
C SER A 191 29.16 22.22 8.92
N ALA A 192 28.17 22.22 8.02
CA ALA A 192 28.16 23.20 6.94
C ALA A 192 27.94 24.62 7.46
N TYR A 193 27.03 24.78 8.42
CA TYR A 193 26.82 26.12 8.99
C TYR A 193 28.05 26.62 9.74
N ALA A 194 28.85 25.72 10.32
CA ALA A 194 30.06 26.19 11.00
C ALA A 194 31.06 26.85 10.05
N ASN A 195 30.93 26.59 8.74
N ASN A 195 30.97 26.60 8.73
CA ASN A 195 31.76 27.22 7.72
CA ASN A 195 31.84 27.32 7.79
C ASN A 195 31.07 28.43 7.10
C ASN A 195 31.25 28.66 7.38
N VAL A 196 29.99 28.93 7.70
CA VAL A 196 29.36 30.19 7.30
C VAL A 196 29.80 31.30 8.25
N VAL A 197 30.57 32.27 7.74
CA VAL A 197 31.07 33.36 8.56
C VAL A 197 30.43 34.67 8.10
N PRO A 198 29.47 35.22 8.84
CA PRO A 198 28.85 36.48 8.43
C PRO A 198 29.84 37.63 8.36
N GLY A 199 29.67 38.48 7.34
CA GLY A 199 30.35 39.75 7.31
C GLY A 199 29.56 40.81 8.05
N LYS A 200 29.39 41.97 7.43
CA LYS A 200 28.63 43.09 8.01
C LYS A 200 27.15 42.79 7.81
N LEU A 201 26.53 42.23 8.83
CA LEU A 201 25.16 41.76 8.71
C LEU A 201 24.23 42.89 9.13
N PRO A 202 23.35 43.37 8.24
CA PRO A 202 22.44 44.45 8.63
C PRO A 202 21.61 44.06 9.86
N GLU A 203 21.49 45.02 10.79
CA GLU A 203 20.78 44.79 12.04
C GLU A 203 19.38 44.23 11.79
N TYR A 204 18.92 43.40 12.73
CA TYR A 204 17.55 42.89 12.65
C TYR A 204 17.09 42.47 14.05
N GLN A 205 15.79 42.31 14.17
CA GLN A 205 15.17 41.81 15.40
C GLN A 205 14.30 40.62 15.03
N ARG A 206 14.50 39.51 15.71
CA ARG A 206 13.70 38.33 15.39
C ARG A 206 12.23 38.60 15.71
N ALA A 207 11.35 37.94 14.97
CA ALA A 207 9.92 37.96 15.25
C ALA A 207 9.41 36.61 15.74
N ASP A 208 10.09 35.55 15.35
CA ASP A 208 9.60 34.20 15.61
C ASP A 208 9.59 33.91 17.11
N ASN A 209 10.62 34.35 17.84
CA ASN A 209 10.66 34.05 19.27
C ASN A 209 9.96 35.10 20.11
N VAL A 210 9.24 36.02 19.49
CA VAL A 210 8.26 36.81 20.22
C VAL A 210 6.95 36.05 20.35
N ILE A 211 6.64 35.18 19.37
CA ILE A 211 5.44 34.35 19.39
C ILE A 211 5.66 33.05 20.16
N ILE A 212 6.76 32.36 19.87
CA ILE A 212 7.19 31.20 20.64
C ILE A 212 8.30 31.69 21.54
N THR A 213 7.97 32.02 22.79
CA THR A 213 8.95 32.65 23.66
C THR A 213 9.88 31.66 24.38
N ASP A 214 9.48 30.39 24.52
CA ASP A 214 10.31 29.39 25.19
C ASP A 214 11.55 29.17 24.31
N PRO A 215 12.73 29.63 24.75
CA PRO A 215 13.91 29.54 23.86
C PRO A 215 14.30 28.13 23.52
N SER A 216 13.92 27.14 24.33
CA SER A 216 14.26 25.75 24.06
C SER A 216 13.57 25.17 22.82
N GLN A 217 12.58 25.87 22.23
CA GLN A 217 11.81 25.29 21.13
C GLN A 217 12.20 25.80 19.74
N ARG A 218 13.07 26.81 19.65
CA ARG A 218 13.40 27.47 18.40
C ARG A 218 14.91 27.56 18.23
N PRO A 219 15.40 27.85 17.02
CA PRO A 219 16.86 28.03 16.83
C PRO A 219 17.41 29.19 17.63
N SER A 220 18.73 29.18 17.78
CA SER A 220 19.41 30.21 18.55
C SER A 220 19.64 31.46 17.69
N ASP A 221 19.98 32.57 18.37
CA ASP A 221 20.38 33.80 17.67
C ASP A 221 21.57 33.56 16.76
N GLY A 222 22.56 32.79 17.22
CA GLY A 222 23.71 32.54 16.39
C GLY A 222 23.34 31.83 15.10
N GLU A 223 22.38 30.90 15.17
CA GLU A 223 21.91 30.23 13.96
C GLU A 223 21.19 31.20 13.03
N TYR A 224 20.31 32.03 13.60
CA TYR A 224 19.62 33.04 12.80
C TYR A 224 20.61 33.99 12.12
N ASP A 225 21.69 34.38 12.82
CA ASP A 225 22.69 35.22 12.15
C ASP A 225 23.20 34.57 10.87
N ARG A 226 23.41 33.25 10.90
CA ARG A 226 23.88 32.56 9.72
C ARG A 226 22.79 32.46 8.66
N TYR A 227 21.54 32.16 9.06
CA TYR A 227 20.44 32.15 8.11
C TYR A 227 20.35 33.47 7.36
N LEU A 228 20.44 34.57 8.11
CA LEU A 228 20.27 35.87 7.48
C LEU A 228 21.50 36.26 6.67
N TRP A 229 22.68 35.79 7.04
CA TRP A 229 23.84 36.15 6.23
C TRP A 229 23.78 35.49 4.85
N LEU A 230 23.31 34.24 4.78
CA LEU A 230 23.18 33.63 3.46
C LEU A 230 22.27 34.45 2.55
N LEU A 231 21.22 35.06 3.10
CA LEU A 231 20.39 35.96 2.30
C LEU A 231 21.22 37.10 1.70
N GLU A 232 22.11 37.71 2.50
CA GLU A 232 22.98 38.76 1.98
C GLU A 232 23.82 38.28 0.81
N GLU A 233 24.33 37.04 0.89
CA GLU A 233 25.19 36.53 -0.20
C GLU A 233 24.38 36.35 -1.48
N MET A 234 23.15 35.85 -1.37
CA MET A 234 22.28 35.75 -2.55
C MET A 234 21.92 37.12 -3.10
N LYS A 235 21.53 38.05 -2.22
CA LYS A 235 21.17 39.39 -2.68
C LYS A 235 22.33 40.03 -3.44
N ALA A 236 23.56 39.78 -3.02
CA ALA A 236 24.70 40.44 -3.66
C ALA A 236 24.86 40.01 -5.11
N VAL A 237 24.39 38.82 -5.47
CA VAL A 237 24.44 38.38 -6.86
C VAL A 237 23.04 38.39 -7.49
N ARG A 238 22.11 39.13 -6.88
CA ARG A 238 20.75 39.31 -7.40
C ARG A 238 20.06 37.97 -7.67
N TYR A 239 20.32 36.98 -6.81
CA TYR A 239 19.65 35.69 -6.89
C TYR A 239 19.91 34.96 -8.22
N ASP A 240 21.00 35.31 -8.91
CA ASP A 240 21.35 34.70 -10.19
C ASP A 240 21.83 33.26 -10.02
N ASP A 241 21.10 32.30 -10.62
CA ASP A 241 21.44 30.88 -10.51
C ASP A 241 22.86 30.61 -10.95
N GLU A 242 23.33 31.31 -11.98
CA GLU A 242 24.66 31.04 -12.50
C GLU A 242 25.76 31.49 -11.57
N ARG A 243 25.47 32.41 -10.65
N ARG A 243 25.47 32.41 -10.65
CA ARG A 243 26.47 32.99 -9.77
CA ARG A 243 26.49 32.97 -9.77
C ARG A 243 26.53 32.33 -8.39
C ARG A 243 26.55 32.29 -8.41
N LEU A 244 25.45 31.69 -7.96
CA LEU A 244 25.41 31.09 -6.63
C LEU A 244 26.52 30.09 -6.34
N PRO A 245 26.91 29.19 -7.23
CA PRO A 245 28.01 28.28 -6.87
C PRO A 245 29.29 29.00 -6.54
N SER A 246 29.52 30.19 -7.13
CA SER A 246 30.76 30.92 -6.90
C SER A 246 30.78 31.73 -5.61
N VAL A 247 29.63 32.03 -5.01
CA VAL A 247 29.60 32.98 -3.91
C VAL A 247 29.01 32.40 -2.63
N MET A 248 28.20 31.36 -2.68
CA MET A 248 27.49 30.90 -1.50
C MET A 248 28.42 30.15 -0.54
N SER A 249 28.32 30.48 0.75
CA SER A 249 29.10 29.85 1.81
C SER A 249 28.50 28.53 2.28
N PHE A 250 27.33 28.16 1.78
CA PHE A 250 26.58 26.98 2.18
C PHE A 250 26.14 26.34 0.89
N GLN A 251 26.65 25.14 0.61
CA GLN A 251 26.30 24.37 -0.59
C GLN A 251 26.27 22.90 -0.20
N VAL A 252 25.09 22.33 -0.10
CA VAL A 252 24.95 20.95 0.36
C VAL A 252 24.05 20.20 -0.61
N GLU A 253 24.30 18.90 -0.77
CA GLU A 253 23.34 18.02 -1.43
C GLU A 253 22.44 17.37 -0.39
N ASP A 254 21.14 17.59 -0.52
CA ASP A 254 20.13 17.19 0.46
C ASP A 254 19.52 15.87 -0.02
N VAL A 255 19.80 14.79 0.70
CA VAL A 255 19.40 13.48 0.16
C VAL A 255 17.91 13.24 0.41
N PHE A 256 17.32 13.90 1.40
CA PHE A 256 15.89 13.73 1.66
C PHE A 256 15.06 14.48 0.62
N PHE A 257 15.42 15.74 0.37
CA PHE A 257 14.89 16.50 -0.75
C PHE A 257 15.03 15.70 -2.04
N SER A 258 16.19 15.09 -2.26
CA SER A 258 16.43 14.30 -3.48
C SER A 258 15.48 13.10 -3.59
N ALA A 259 15.28 12.39 -2.49
CA ALA A 259 14.35 11.25 -2.51
C ALA A 259 12.91 11.70 -2.76
N ILE A 260 12.51 12.82 -2.12
CA ILE A 260 11.16 13.37 -2.38
C ILE A 260 11.01 13.70 -3.86
N PHE A 261 12.04 14.31 -4.45
CA PHE A 261 11.98 14.63 -5.87
C PHE A 261 11.89 13.38 -6.73
N SER A 262 12.60 12.31 -6.37
CA SER A 262 12.46 11.05 -7.11
C SER A 262 11.03 10.58 -7.10
N VAL A 263 10.42 10.50 -5.90
CA VAL A 263 9.01 10.12 -5.78
C VAL A 263 8.12 11.07 -6.57
N ALA A 264 8.27 12.37 -6.35
CA ALA A 264 7.42 13.34 -7.05
C ALA A 264 7.50 13.20 -8.58
N CYS A 265 8.70 12.95 -9.12
CA CYS A 265 8.81 12.74 -10.57
C CYS A 265 8.05 11.50 -11.01
N GLN A 266 8.16 10.42 -10.25
CA GLN A 266 7.44 9.21 -10.64
C GLN A 266 5.93 9.42 -10.53
N VAL A 267 5.47 10.12 -9.50
CA VAL A 267 4.06 10.41 -9.33
C VAL A 267 3.56 11.27 -10.47
N LEU A 268 4.29 12.36 -10.76
CA LEU A 268 3.86 13.25 -11.82
C LEU A 268 3.90 12.56 -13.18
N ALA A 269 4.87 11.65 -13.39
CA ALA A 269 4.89 10.91 -14.65
C ALA A 269 3.64 10.04 -14.80
N GLU A 270 3.22 9.35 -13.72
CA GLU A 270 2.02 8.52 -13.78
C GLU A 270 0.76 9.37 -14.02
N ILE A 271 0.68 10.55 -13.41
CA ILE A 271 -0.39 11.49 -13.74
C ILE A 271 -0.35 11.86 -15.21
N GLY A 272 0.83 12.14 -15.75
CA GLY A 272 0.93 12.53 -17.15
C GLY A 272 0.48 11.43 -18.09
N GLU A 273 0.78 10.17 -17.74
CA GLU A 273 0.32 9.06 -18.56
C GLU A 273 -1.20 8.95 -18.51
N ASP A 274 -1.76 9.00 -17.29
CA ASP A 274 -3.19 8.86 -17.07
C ASP A 274 -4.00 9.95 -17.77
N TYR A 275 -3.47 11.18 -17.82
CA TYR A 275 -4.19 12.32 -18.38
C TYR A 275 -3.64 12.76 -19.74
N LYS A 276 -2.89 11.86 -20.40
CA LYS A 276 -2.44 12.05 -21.77
C LYS A 276 -1.67 13.34 -21.97
N ARG A 277 -0.76 13.65 -21.04
N ARG A 277 -0.76 13.65 -21.05
CA ARG A 277 0.13 14.79 -21.21
CA ARG A 277 0.15 14.79 -21.21
C ARG A 277 1.21 14.42 -22.24
C ARG A 277 1.27 14.41 -22.17
N PRO A 278 2.03 15.39 -22.67
CA PRO A 278 3.02 15.08 -23.74
C PRO A 278 4.00 13.98 -23.37
N HIS A 279 4.25 13.07 -24.32
N HIS A 279 4.25 13.08 -24.34
CA HIS A 279 5.10 11.92 -24.04
CA HIS A 279 5.11 11.92 -24.12
C HIS A 279 6.52 12.35 -23.67
C HIS A 279 6.51 12.35 -23.69
N ALA A 280 7.02 13.44 -24.28
CA ALA A 280 8.38 13.89 -23.96
C ALA A 280 8.49 14.28 -22.49
N ASP A 281 7.42 14.86 -21.94
CA ASP A 281 7.42 15.23 -20.52
C ASP A 281 7.42 13.99 -19.63
N VAL A 282 6.56 13.03 -19.92
CA VAL A 282 6.52 11.81 -19.12
C VAL A 282 7.89 11.12 -19.13
N LYS A 283 8.51 11.03 -20.32
N LYS A 283 8.52 11.05 -20.31
CA LYS A 283 9.83 10.41 -20.44
CA LYS A 283 9.82 10.41 -20.42
C LYS A 283 10.84 11.12 -19.54
C LYS A 283 10.88 11.12 -19.58
N ASP A 284 10.87 12.45 -19.60
CA ASP A 284 11.81 13.21 -18.77
C ASP A 284 11.56 12.97 -17.30
N LEU A 285 10.29 12.91 -16.89
CA LEU A 285 9.97 12.67 -15.48
C LEU A 285 10.45 11.30 -15.02
N TYR A 286 10.20 10.24 -15.81
CA TYR A 286 10.71 8.92 -15.43
C TYR A 286 12.24 8.90 -15.40
N LEU A 287 12.89 9.59 -16.33
CA LEU A 287 14.35 9.67 -16.31
C LEU A 287 14.85 10.33 -15.02
N TRP A 288 14.27 11.46 -14.63
CA TRP A 288 14.67 12.10 -13.37
C TRP A 288 14.34 11.22 -12.16
N ALA A 289 13.19 10.56 -12.16
CA ALA A 289 12.84 9.66 -11.06
C ALA A 289 13.96 8.65 -10.84
N GLU A 290 14.43 8.06 -11.94
N GLU A 290 14.45 8.05 -11.92
CA GLU A 290 15.49 7.05 -11.90
CA GLU A 290 15.50 7.03 -11.76
C GLU A 290 16.81 7.67 -11.45
C GLU A 290 16.84 7.67 -11.42
N ARG A 291 17.14 8.85 -11.99
CA ARG A 291 18.44 9.48 -11.72
C ARG A 291 18.57 9.84 -10.24
N PHE A 292 17.52 10.44 -9.64
CA PHE A 292 17.56 10.83 -8.24
C PHE A 292 17.40 9.64 -7.29
N ARG A 293 16.69 8.59 -7.69
CA ARG A 293 16.74 7.34 -6.95
C ARG A 293 18.18 6.81 -6.83
N ALA A 294 18.88 6.71 -7.96
CA ALA A 294 20.26 6.25 -7.95
C ALA A 294 21.16 7.19 -7.15
N GLY A 295 20.91 8.50 -7.25
CA GLY A 295 21.70 9.47 -6.52
C GLY A 295 21.54 9.34 -5.02
N VAL A 296 20.31 9.04 -4.56
CA VAL A 296 20.08 8.79 -3.15
C VAL A 296 20.81 7.50 -2.72
N VAL A 297 20.68 6.43 -3.51
CA VAL A 297 21.29 5.15 -3.12
C VAL A 297 22.81 5.27 -3.06
N GLU A 298 23.39 6.13 -3.88
CA GLU A 298 24.84 6.28 -3.91
C GLU A 298 25.39 6.78 -2.58
N THR A 299 24.58 7.51 -1.82
CA THR A 299 25.00 8.07 -0.54
C THR A 299 24.99 7.06 0.60
N THR A 300 24.43 5.87 0.40
CA THR A 300 24.01 5.08 1.55
C THR A 300 25.14 4.29 2.20
N ASP A 301 24.99 4.15 3.52
CA ASP A 301 25.90 3.35 4.33
C ASP A 301 25.87 1.91 3.85
N GLN A 302 27.05 1.29 3.71
CA GLN A 302 27.05 -0.07 3.18
C GLN A 302 26.55 -1.10 4.18
N ARG A 303 26.48 -0.76 5.46
CA ARG A 303 25.95 -1.69 6.46
C ARG A 303 24.46 -1.47 6.73
N THR A 304 24.05 -0.24 7.03
CA THR A 304 22.70 0.03 7.47
C THR A 304 21.77 0.55 6.37
N GLY A 305 22.30 0.89 5.20
CA GLY A 305 21.50 1.54 4.17
C GLY A 305 21.19 3.00 4.43
N ALA A 306 21.66 3.57 5.52
CA ALA A 306 21.29 4.94 5.88
C ALA A 306 21.87 5.93 4.88
N ALA A 307 21.07 6.91 4.48
CA ALA A 307 21.47 7.92 3.49
C ALA A 307 22.18 9.08 4.15
N ARG A 308 23.22 9.58 3.47
CA ARG A 308 24.04 10.70 3.94
C ARG A 308 23.85 11.92 3.04
N ASP A 309 23.83 13.11 3.64
CA ASP A 309 23.91 14.34 2.86
C ASP A 309 25.36 14.58 2.45
N PHE A 310 25.58 15.54 1.55
CA PHE A 310 26.95 15.80 1.07
C PHE A 310 27.24 17.29 1.12
N ASP A 311 28.37 17.64 1.73
CA ASP A 311 28.80 19.03 1.79
C ASP A 311 29.66 19.29 0.55
N VAL A 312 29.13 20.08 -0.38
CA VAL A 312 29.79 20.30 -1.66
C VAL A 312 31.06 21.12 -1.50
N LEU A 313 31.06 22.09 -0.58
CA LEU A 313 32.26 22.91 -0.38
C LEU A 313 33.36 22.13 0.30
N ALA A 314 33.01 21.37 1.34
CA ALA A 314 33.97 20.57 2.07
C ALA A 314 34.28 19.25 1.38
N GLU A 315 33.49 18.86 0.39
CA GLU A 315 33.64 17.60 -0.32
C GLU A 315 33.66 16.43 0.66
N LYS A 316 32.65 16.38 1.55
CA LYS A 316 32.62 15.33 2.56
C LYS A 316 31.21 14.87 2.82
N TRP A 317 31.06 13.57 3.07
CA TRP A 317 29.76 13.05 3.44
C TRP A 317 29.40 13.51 4.84
N LEU A 318 28.16 13.97 5.00
CA LEU A 318 27.66 14.44 6.28
C LEU A 318 26.95 13.27 6.96
N VAL A 319 27.50 12.81 8.08
CA VAL A 319 26.98 11.64 8.77
C VAL A 319 26.30 12.10 10.05
N THR A 320 24.98 12.01 10.10
CA THR A 320 24.22 12.45 11.25
C THR A 320 23.12 11.42 11.47
N GLU A 321 22.45 11.50 12.62
CA GLU A 321 21.46 10.48 12.98
C GLU A 321 20.08 11.11 13.05
N THR A 322 19.58 11.52 11.88
CA THR A 322 18.27 12.16 11.80
C THR A 322 17.34 11.32 10.93
N ALA A 323 16.06 11.72 10.91
CA ALA A 323 15.07 11.05 10.08
C ALA A 323 15.42 11.11 8.59
N ALA A 324 16.23 12.08 8.17
CA ALA A 324 16.59 12.13 6.75
C ALA A 324 17.39 10.88 6.31
N GLN A 325 18.00 10.14 7.24
CA GLN A 325 18.70 8.89 6.90
C GLN A 325 17.81 7.92 6.16
N PHE A 326 16.51 7.99 6.41
CA PHE A 326 15.54 7.05 5.83
C PHE A 326 15.03 7.47 4.47
N ALA A 327 15.62 8.51 3.86
CA ALA A 327 15.33 8.87 2.46
C ALA A 327 15.21 7.69 1.51
N PRO A 328 16.09 6.70 1.50
CA PRO A 328 15.93 5.60 0.53
C PRO A 328 14.63 4.83 0.72
N LEU A 329 14.04 4.85 1.91
CA LEU A 329 12.78 4.14 2.07
C LEU A 329 11.68 4.79 1.25
N LEU A 330 11.76 6.11 1.04
CA LEU A 330 10.74 6.83 0.28
C LEU A 330 10.81 6.46 -1.19
N CYS A 331 12.00 6.50 -1.78
CA CYS A 331 12.09 6.39 -3.22
C CYS A 331 12.44 4.98 -3.71
N GLY A 332 12.82 4.07 -2.81
CA GLY A 332 13.23 2.74 -3.25
C GLY A 332 14.64 2.74 -3.82
N GLY A 333 15.08 1.58 -4.28
CA GLY A 333 16.35 1.46 -4.96
C GLY A 333 17.45 0.76 -4.18
N LEU A 334 17.35 0.63 -2.87
CA LEU A 334 18.37 -0.12 -2.16
C LEU A 334 18.30 -1.60 -2.52
N PRO A 335 19.43 -2.31 -2.54
CA PRO A 335 19.36 -3.77 -2.62
C PRO A 335 18.59 -4.30 -1.42
N HIS A 336 17.91 -5.42 -1.65
CA HIS A 336 17.05 -6.06 -0.66
C HIS A 336 17.65 -6.09 0.75
N ASP A 337 18.87 -6.63 0.87
CA ASP A 337 19.48 -6.80 2.19
C ASP A 337 19.74 -5.47 2.88
N ARG A 338 20.12 -4.44 2.14
CA ARG A 338 20.38 -3.16 2.79
C ARG A 338 19.10 -2.47 3.19
N GLU A 339 18.03 -2.65 2.40
CA GLU A 339 16.76 -2.03 2.79
C GLU A 339 16.17 -2.70 4.03
N ARG A 340 16.41 -4.01 4.21
CA ARG A 340 15.99 -4.67 5.45
C ARG A 340 16.78 -4.11 6.63
N ALA A 341 18.08 -3.85 6.44
CA ALA A 341 18.87 -3.26 7.51
C ALA A 341 18.38 -1.86 7.84
N LEU A 342 17.98 -1.10 6.82
CA LEU A 342 17.51 0.26 7.08
C LEU A 342 16.16 0.24 7.80
N LEU A 343 15.28 -0.70 7.45
CA LEU A 343 14.01 -0.79 8.17
C LEU A 343 14.25 -1.22 9.62
N LYS A 344 15.23 -2.09 9.83
CA LYS A 344 15.61 -2.48 11.18
C LYS A 344 16.06 -1.27 12.00
N LEU A 345 16.82 -0.37 11.37
CA LEU A 345 17.24 0.84 12.07
C LEU A 345 16.04 1.72 12.38
N LEU A 346 15.13 1.87 11.42
CA LEU A 346 13.95 2.69 11.63
C LEU A 346 13.10 2.19 12.81
N GLU A 347 12.91 0.87 12.90
CA GLU A 347 11.99 0.30 13.88
C GLU A 347 12.63 0.02 15.23
N GLY A 348 13.95 0.08 15.32
CA GLY A 348 14.67 -0.33 16.52
C GLY A 348 14.87 0.80 17.51
N PRO A 349 15.76 0.55 18.48
CA PRO A 349 15.82 1.42 19.67
C PRO A 349 16.40 2.80 19.43
N ARG A 350 16.99 3.04 18.26
CA ARG A 350 17.49 4.36 17.89
C ARG A 350 16.41 5.28 17.36
N PHE A 351 15.29 4.73 16.87
CA PHE A 351 14.21 5.54 16.37
C PHE A 351 12.87 5.06 16.92
N CYS A 352 12.01 4.47 16.08
CA CYS A 352 10.62 4.27 16.49
C CYS A 352 10.49 3.34 17.67
N GLY A 353 11.46 2.46 17.87
CA GLY A 353 11.41 1.51 18.95
C GLY A 353 12.07 1.98 20.23
N HIS A 354 12.44 3.25 20.35
CA HIS A 354 13.12 3.71 21.56
C HIS A 354 12.18 3.53 22.75
N PRO A 355 12.64 2.96 23.85
CA PRO A 355 11.71 2.58 24.92
C PRO A 355 11.03 3.75 25.61
N ASP A 356 11.55 4.95 25.52
CA ASP A 356 10.92 6.05 26.25
C ASP A 356 9.92 6.83 25.40
N LEU A 357 9.73 6.47 24.14
CA LEU A 357 8.82 7.22 23.29
C LEU A 357 7.38 7.04 23.72
N LYS A 358 6.63 8.14 23.74
CA LYS A 358 5.22 8.00 24.06
C LYS A 358 4.44 7.33 22.94
N TYR A 359 4.81 7.62 21.69
CA TYR A 359 4.13 7.06 20.52
C TYR A 359 5.16 6.37 19.63
N GLY A 360 4.70 5.39 18.86
CA GLY A 360 5.58 4.70 17.94
C GLY A 360 5.72 5.47 16.67
N LEU A 361 6.48 6.57 16.74
CA LEU A 361 6.62 7.55 15.66
C LEU A 361 8.11 7.86 15.50
N ILE A 362 8.45 8.52 14.40
CA ILE A 362 9.84 8.74 14.01
C ILE A 362 10.27 10.11 14.55
N PRO A 363 11.19 10.17 15.50
CA PRO A 363 11.71 11.46 15.95
C PRO A 363 12.56 12.10 14.87
N SER A 364 12.62 13.44 14.90
CA SER A 364 13.36 14.10 13.83
C SER A 364 14.86 13.84 13.95
N THR A 365 15.35 13.65 15.17
CA THR A 365 16.73 13.23 15.44
C THR A 365 16.66 12.05 16.39
N SER A 366 17.55 11.07 16.24
CA SER A 366 17.54 9.90 17.11
C SER A 366 17.68 10.32 18.58
N PRO A 367 16.84 9.80 19.48
CA PRO A 367 17.02 10.08 20.92
C PRO A 367 18.36 9.63 21.47
N VAL A 368 19.07 8.72 20.79
CA VAL A 368 20.35 8.25 21.32
C VAL A 368 21.53 9.05 20.77
N SER A 369 21.29 9.96 19.84
CA SER A 369 22.35 10.81 19.29
C SER A 369 22.73 11.89 20.28
N ARG A 370 24.02 12.24 20.29
N ARG A 370 24.03 12.25 20.30
CA ARG A 370 24.48 13.38 21.10
CA ARG A 370 24.44 13.38 21.13
C ARG A 370 23.85 14.69 20.65
C ARG A 370 23.86 14.71 20.64
N ASP A 371 23.36 14.76 19.40
CA ASP A 371 22.72 15.97 18.88
C ASP A 371 21.27 16.13 19.34
N PHE A 372 20.70 15.09 19.98
CA PHE A 372 19.27 15.08 20.29
C PHE A 372 18.94 16.13 21.33
N ARG A 373 17.89 16.90 21.08
CA ARG A 373 17.31 17.83 22.05
C ARG A 373 15.81 17.61 21.95
N PRO A 374 15.11 17.22 23.03
CA PRO A 374 13.71 16.78 22.88
C PRO A 374 12.71 17.90 22.57
N ARG A 375 13.08 19.17 22.72
CA ARG A 375 12.16 20.26 22.45
C ARG A 375 12.52 21.10 21.22
N GLU A 376 13.73 20.95 20.66
CA GLU A 376 14.34 22.03 19.88
C GLU A 376 14.13 21.85 18.37
N TYR A 377 12.87 22.01 17.95
CA TYR A 377 12.54 22.14 16.53
C TYR A 377 12.88 20.86 15.74
N TRP A 378 13.93 20.86 14.91
CA TRP A 378 14.25 19.67 14.12
C TRP A 378 15.32 18.79 14.80
N ARG A 379 15.72 19.09 16.03
CA ARG A 379 16.77 18.35 16.70
C ARG A 379 16.24 17.22 17.59
N GLY A 380 15.00 16.75 17.38
CA GLY A 380 14.49 15.73 18.25
C GLY A 380 12.99 15.51 18.20
N PRO A 381 12.19 16.59 18.22
CA PRO A 381 10.72 16.44 18.27
C PRO A 381 10.13 15.58 17.15
N VAL A 382 8.95 15.03 17.44
CA VAL A 382 8.18 14.26 16.45
C VAL A 382 7.30 15.23 15.67
N TRP A 383 7.41 15.19 14.33
CA TRP A 383 6.64 16.11 13.47
C TRP A 383 5.51 15.38 12.77
N PRO A 384 4.24 15.73 13.01
CA PRO A 384 3.15 15.09 12.27
C PRO A 384 3.32 15.17 10.76
N VAL A 385 3.90 16.26 10.22
CA VAL A 385 4.07 16.32 8.77
C VAL A 385 4.96 15.19 8.26
N LEU A 386 6.02 14.86 9.01
CA LEU A 386 6.89 13.76 8.60
C LEU A 386 6.20 12.41 8.78
N THR A 387 5.43 12.25 9.86
CA THR A 387 4.67 11.02 10.01
C THR A 387 3.77 10.80 8.80
N TRP A 388 3.09 11.86 8.35
CA TRP A 388 2.22 11.71 7.19
C TRP A 388 3.02 11.31 5.95
N LEU A 389 4.10 12.03 5.66
CA LEU A 389 4.87 11.74 4.46
C LEU A 389 5.42 10.32 4.46
N PHE A 390 5.97 9.87 5.60
CA PHE A 390 6.47 8.50 5.66
C PHE A 390 5.34 7.49 5.51
N SER A 391 4.22 7.70 6.19
N SER A 391 4.21 7.72 6.16
CA SER A 391 3.13 6.73 6.05
CA SER A 391 3.14 6.72 6.05
C SER A 391 2.66 6.65 4.60
C SER A 391 2.61 6.65 4.62
N TRP A 392 2.50 7.80 3.94
CA TRP A 392 2.01 7.79 2.55
C TRP A 392 3.03 7.11 1.62
N CYS A 393 4.31 7.44 1.78
CA CYS A 393 5.33 6.79 0.95
C CYS A 393 5.43 5.29 1.26
N PHE A 394 5.30 4.92 2.53
CA PHE A 394 5.36 3.49 2.87
C PHE A 394 4.20 2.72 2.23
N ALA A 395 3.00 3.29 2.29
CA ALA A 395 1.88 2.62 1.64
C ALA A 395 2.16 2.44 0.15
N ARG A 396 2.82 3.41 -0.47
N ARG A 396 2.82 3.41 -0.47
CA ARG A 396 3.14 3.34 -1.88
CA ARG A 396 3.14 3.34 -1.90
C ARG A 396 4.24 2.32 -2.18
C ARG A 396 4.23 2.31 -2.18
N ARG A 397 5.08 2.00 -1.19
CA ARG A 397 6.04 0.91 -1.34
C ARG A 397 5.37 -0.44 -1.25
N GLY A 398 4.09 -0.48 -0.82
CA GLY A 398 3.43 -1.75 -0.56
C GLY A 398 3.51 -2.20 0.89
N TRP A 399 4.04 -1.37 1.78
CA TRP A 399 4.21 -1.76 3.18
C TRP A 399 2.95 -1.33 3.94
N ALA A 400 1.85 -2.04 3.66
CA ALA A 400 0.53 -1.60 4.13
C ALA A 400 0.47 -1.56 5.66
N GLU A 401 0.98 -2.60 6.32
CA GLU A 401 0.89 -2.60 7.78
C GLU A 401 1.80 -1.53 8.42
N ARG A 402 3.02 -1.34 7.90
CA ARG A 402 3.89 -0.28 8.46
C ARG A 402 3.23 1.07 8.29
N ALA A 403 2.63 1.32 7.13
CA ALA A 403 1.95 2.58 6.92
C ALA A 403 0.76 2.75 7.86
N ARG A 404 0.02 1.67 8.08
CA ARG A 404 -1.13 1.74 8.97
C ARG A 404 -0.71 2.07 10.39
N LEU A 405 0.40 1.47 10.85
CA LEU A 405 0.83 1.71 12.22
C LEU A 405 1.26 3.16 12.41
N LEU A 406 1.94 3.72 11.42
CA LEU A 406 2.32 5.15 11.53
C LEU A 406 1.07 6.02 11.58
N ARG A 407 0.08 5.73 10.73
N ARG A 407 0.09 5.70 10.73
CA ARG A 407 -1.15 6.52 10.77
CA ARG A 407 -1.17 6.44 10.69
C ARG A 407 -1.86 6.39 12.10
C ARG A 407 -1.91 6.36 12.04
N GLN A 408 -1.95 5.17 12.63
CA GLN A 408 -2.66 4.96 13.89
C GLN A 408 -2.00 5.73 15.02
N GLU A 409 -0.67 5.69 15.10
CA GLU A 409 0.05 6.40 16.15
C GLU A 409 0.00 7.91 15.94
N GLY A 410 0.03 8.34 14.68
CA GLY A 410 -0.07 9.77 14.40
C GLY A 410 -1.44 10.31 14.78
N LEU A 411 -2.49 9.53 14.52
CA LEU A 411 -3.82 9.94 14.97
C LEU A 411 -3.95 9.93 16.49
N ARG A 412 -3.37 8.92 17.15
CA ARG A 412 -3.42 8.93 18.61
C ARG A 412 -2.71 10.18 19.15
N GLN A 413 -1.57 10.53 18.58
CA GLN A 413 -0.84 11.73 19.04
C GLN A 413 -1.65 12.99 18.81
N ALA A 414 -2.33 13.08 17.67
CA ALA A 414 -3.10 14.25 17.29
C ALA A 414 -4.44 14.35 18.00
N SER A 415 -4.86 13.30 18.73
N SER A 415 -4.87 13.30 18.72
CA SER A 415 -6.22 13.27 19.25
CA SER A 415 -6.22 13.29 19.24
C SER A 415 -6.43 14.23 20.42
C SER A 415 -6.44 14.31 20.35
N ASP A 416 -5.39 14.96 20.86
CA ASP A 416 -5.57 16.06 21.81
C ASP A 416 -6.19 17.30 21.15
N GLY A 417 -6.20 17.35 19.83
CA GLY A 417 -6.75 18.47 19.10
C GLY A 417 -5.94 19.74 19.18
N SER A 418 -4.64 19.67 19.53
CA SER A 418 -3.86 20.90 19.56
C SER A 418 -3.35 21.27 18.18
N PHE A 419 -3.29 20.28 17.26
CA PHE A 419 -2.72 20.43 15.92
C PHE A 419 -1.38 21.14 15.99
N ALA A 420 -0.54 20.64 16.90
CA ALA A 420 0.76 21.24 17.11
C ALA A 420 1.70 21.04 15.92
N GLU A 421 2.63 21.99 15.78
CA GLU A 421 3.68 21.89 14.76
C GLU A 421 4.58 20.68 15.00
N TYR A 422 4.95 20.43 16.25
CA TYR A 422 5.69 19.22 16.60
C TYR A 422 5.41 18.91 18.06
N TYR A 423 5.83 17.71 18.48
CA TYR A 423 5.51 17.16 19.80
C TYR A 423 6.76 16.65 20.51
N GLU A 424 6.80 16.82 21.83
CA GLU A 424 7.91 16.29 22.62
C GLU A 424 7.88 14.76 22.53
N PRO A 425 9.00 14.10 22.24
CA PRO A 425 8.92 12.66 21.87
C PRO A 425 8.62 11.76 23.03
N PHE A 426 8.96 12.16 24.23
CA PHE A 426 8.79 11.34 25.42
C PHE A 426 7.51 11.67 26.17
N THR A 427 7.17 12.95 26.29
CA THR A 427 5.99 13.34 27.05
C THR A 427 4.76 13.53 26.18
N GLY A 428 4.94 13.70 24.87
CA GLY A 428 3.82 14.07 24.03
C GLY A 428 3.38 15.52 24.15
N GLU A 429 4.11 16.35 24.89
CA GLU A 429 3.71 17.75 25.02
C GLU A 429 3.68 18.43 23.64
N PRO A 430 2.61 19.14 23.30
CA PRO A 430 2.58 19.87 22.02
C PRO A 430 3.52 21.07 22.07
N LEU A 431 4.29 21.26 21.01
CA LEU A 431 5.33 22.26 20.96
C LEU A 431 5.19 23.07 19.67
N GLY A 432 6.00 24.13 19.55
CA GLY A 432 5.92 24.98 18.38
C GLY A 432 4.60 25.71 18.32
N SER A 433 4.18 26.06 17.11
CA SER A 433 2.90 26.73 16.96
C SER A 433 1.77 25.72 17.18
N MET A 434 0.73 26.16 17.88
CA MET A 434 -0.53 25.44 17.81
C MET A 434 -1.22 25.85 16.50
N GLN A 435 -2.31 25.15 16.16
N GLN A 435 -2.32 25.14 16.23
CA GLN A 435 -3.10 25.53 14.98
CA GLN A 435 -3.15 25.28 15.03
C GLN A 435 -2.27 25.47 13.70
C GLN A 435 -2.29 25.44 13.78
N GLN A 436 -1.36 24.49 13.61
CA GLN A 436 -0.51 24.36 12.43
C GLN A 436 -1.29 23.72 11.29
N SER A 437 -1.39 24.40 10.15
CA SER A 437 -2.25 23.92 9.07
C SER A 437 -1.87 22.52 8.57
N TRP A 438 -0.55 22.21 8.41
CA TRP A 438 -0.29 20.89 7.83
C TRP A 438 -0.49 19.77 8.83
N THR A 439 -0.56 20.08 10.13
CA THR A 439 -0.91 19.02 11.08
C THR A 439 -2.39 18.69 10.97
N ALA A 440 -3.23 19.72 10.86
CA ALA A 440 -4.64 19.48 10.55
C ALA A 440 -4.82 18.75 9.23
N ALA A 441 -4.02 19.12 8.20
CA ALA A 441 -4.14 18.46 6.92
C ALA A 441 -3.80 16.98 7.02
N ALA A 442 -2.75 16.65 7.77
CA ALA A 442 -2.42 15.23 7.96
C ALA A 442 -3.59 14.48 8.56
N VAL A 443 -4.19 15.03 9.62
CA VAL A 443 -5.32 14.38 10.27
C VAL A 443 -6.48 14.21 9.29
N LEU A 444 -6.79 15.25 8.53
CA LEU A 444 -7.91 15.16 7.59
C LEU A 444 -7.65 14.11 6.51
N ASP A 445 -6.44 14.06 5.96
CA ASP A 445 -6.18 13.02 4.97
C ASP A 445 -6.29 11.63 5.60
N TRP A 446 -5.76 11.45 6.81
CA TRP A 446 -5.82 10.15 7.46
C TRP A 446 -7.26 9.73 7.77
N LEU A 447 -8.04 10.62 8.38
N LEU A 447 -8.19 10.72 7.83
CA LEU A 447 -9.27 10.10 8.94
CA LEU A 447 -9.63 10.53 8.12
C LEU A 447 -10.14 9.49 7.86
C LEU A 447 -10.61 10.93 7.00
N GLY A 448 -10.06 10.00 6.62
N GLY A 448 -10.15 11.54 5.91
CA GLY A 448 -10.91 9.48 5.56
CA GLY A 448 -11.06 12.13 4.94
C GLY A 448 -12.36 9.68 5.91
C GLY A 448 -11.37 11.31 3.70
N PRO B 4 -36.68 -1.98 7.24
CA PRO B 4 -37.47 -0.74 7.19
C PRO B 4 -36.98 0.19 6.07
N HIS B 5 -36.44 1.36 6.43
CA HIS B 5 -35.89 2.27 5.42
C HIS B 5 -34.45 1.97 5.05
N ASP B 6 -33.70 1.30 5.93
CA ASP B 6 -32.28 1.02 5.69
C ASP B 6 -31.93 -0.28 6.41
N PRO B 7 -31.98 -1.41 5.71
CA PRO B 7 -31.60 -2.69 6.33
C PRO B 7 -30.11 -2.90 6.50
N SER B 8 -29.27 -1.88 6.32
CA SER B 8 -27.84 -2.07 6.45
C SER B 8 -27.41 -1.98 7.93
N PHE B 9 -26.30 -2.62 8.24
CA PHE B 9 -25.74 -2.58 9.58
C PHE B 9 -24.61 -1.55 9.67
N THR B 10 -24.44 -0.99 10.87
CA THR B 10 -23.27 -0.14 11.16
C THR B 10 -22.00 -0.98 11.16
N PRO B 11 -20.83 -0.33 11.05
CA PRO B 11 -19.57 -1.11 11.07
C PRO B 11 -19.42 -1.93 12.33
N THR B 12 -19.78 -1.38 13.50
CA THR B 12 -19.69 -2.19 14.72
C THR B 12 -20.68 -3.34 14.73
N GLN B 13 -21.93 -3.11 14.29
CA GLN B 13 -22.88 -4.22 14.23
C GLN B 13 -22.39 -5.31 13.26
N LEU B 14 -21.84 -4.89 12.13
CA LEU B 14 -21.40 -5.84 11.10
C LEU B 14 -20.21 -6.65 11.58
N ALA B 15 -19.26 -5.99 12.24
CA ALA B 15 -18.12 -6.70 12.80
C ALA B 15 -18.58 -7.71 13.85
N ALA B 16 -19.51 -7.30 14.71
CA ALA B 16 -20.06 -8.21 15.72
C ALA B 16 -20.73 -9.42 15.08
N ARG B 17 -21.56 -9.19 14.07
N ARG B 17 -21.58 -9.19 14.08
CA ARG B 17 -22.27 -10.31 13.47
CA ARG B 17 -22.27 -10.30 13.45
C ARG B 17 -21.34 -11.20 12.66
C ARG B 17 -21.29 -11.21 12.71
N ALA B 18 -20.25 -10.64 12.12
CA ALA B 18 -19.25 -11.46 11.43
C ALA B 18 -18.52 -12.38 12.40
N ALA B 19 -18.10 -11.84 13.55
CA ALA B 19 -17.47 -12.66 14.56
C ALA B 19 -18.42 -13.69 15.14
N TYR B 20 -19.69 -13.30 15.35
CA TYR B 20 -20.68 -14.24 15.84
C TYR B 20 -20.84 -15.41 14.87
N LEU B 21 -20.86 -15.12 13.57
N LEU B 21 -20.86 -15.13 13.56
CA LEU B 21 -20.98 -16.16 12.55
CA LEU B 21 -20.98 -16.19 12.57
C LEU B 21 -19.78 -17.11 12.59
C LEU B 21 -19.77 -17.12 12.59
N LEU B 22 -18.57 -16.55 12.61
CA LEU B 22 -17.36 -17.40 12.57
C LEU B 22 -17.29 -18.32 13.78
N ARG B 23 -17.61 -17.81 14.97
CA ARG B 23 -17.59 -18.69 16.14
C ARG B 23 -18.71 -19.73 16.05
N GLY B 24 -19.82 -19.38 15.38
CA GLY B 24 -20.92 -20.30 15.23
C GLY B 24 -20.64 -21.44 14.27
N ASN B 25 -19.72 -21.21 13.31
CA ASN B 25 -19.32 -22.25 12.37
C ASN B 25 -18.13 -23.08 12.88
N ASP B 26 -17.65 -22.82 14.09
CA ASP B 26 -16.53 -23.54 14.71
C ASP B 26 -16.99 -24.90 15.23
N LEU B 27 -16.41 -25.99 14.73
CA LEU B 27 -16.73 -27.31 15.29
C LEU B 27 -15.86 -27.67 16.49
N GLY B 28 -14.85 -26.85 16.79
CA GLY B 28 -13.96 -27.09 17.90
C GLY B 28 -12.53 -26.75 17.52
N THR B 29 -11.97 -27.50 16.57
CA THR B 29 -10.64 -27.21 16.03
C THR B 29 -10.68 -26.93 14.54
N MET B 30 -11.87 -26.94 13.94
CA MET B 30 -12.01 -26.61 12.53
C MET B 30 -13.32 -25.85 12.37
N THR B 31 -13.32 -24.94 11.41
CA THR B 31 -14.47 -24.08 11.09
C THR B 31 -15.04 -24.54 9.75
N THR B 32 -16.36 -24.78 9.69
CA THR B 32 -16.92 -25.16 8.41
C THR B 32 -16.93 -23.96 7.46
N ALA B 33 -16.82 -24.23 6.15
CA ALA B 33 -16.89 -23.15 5.16
C ALA B 33 -18.28 -22.51 5.12
N ALA B 34 -19.32 -23.27 5.42
CA ALA B 34 -20.68 -22.78 5.59
C ALA B 34 -21.44 -23.77 6.46
N PRO B 35 -22.52 -23.35 7.12
CA PRO B 35 -23.20 -24.25 8.07
C PRO B 35 -23.72 -25.52 7.43
N LEU B 36 -24.25 -25.45 6.20
CA LEU B 36 -24.92 -26.64 5.69
C LEU B 36 -24.38 -27.06 4.34
N LEU B 37 -24.16 -26.11 3.44
CA LEU B 37 -23.71 -26.44 2.09
C LEU B 37 -22.31 -27.03 2.11
N TYR B 38 -21.46 -26.55 3.01
CA TYR B 38 -20.04 -26.90 3.04
C TYR B 38 -19.63 -27.22 4.47
N PRO B 39 -20.19 -28.32 5.04
CA PRO B 39 -20.08 -28.56 6.48
C PRO B 39 -18.75 -29.20 6.89
N HIS B 40 -17.66 -28.83 6.21
CA HIS B 40 -16.33 -29.39 6.43
C HIS B 40 -15.32 -28.26 6.32
N MET B 41 -14.04 -28.62 6.47
CA MET B 41 -12.96 -27.66 6.28
C MET B 41 -12.45 -27.70 4.84
N TRP B 42 -12.54 -26.57 4.14
CA TRP B 42 -11.91 -26.44 2.84
C TRP B 42 -10.56 -25.75 3.00
N SER B 43 -9.59 -26.17 2.19
CA SER B 43 -8.20 -25.74 2.36
C SER B 43 -8.06 -24.22 2.20
N TRP B 44 -8.47 -23.67 1.07
CA TRP B 44 -8.17 -22.24 0.98
C TRP B 44 -9.17 -21.43 1.78
N ALA B 45 -10.36 -22.00 2.05
CA ALA B 45 -11.27 -21.36 2.99
C ALA B 45 -10.66 -21.27 4.38
N ALA B 46 -9.96 -22.33 4.82
CA ALA B 46 -9.33 -22.34 6.14
C ALA B 46 -8.29 -21.22 6.28
N ALA B 47 -7.54 -20.95 5.21
CA ALA B 47 -6.62 -19.81 5.23
C ALA B 47 -7.39 -18.52 5.48
N PHE B 48 -8.46 -18.29 4.71
CA PHE B 48 -9.23 -17.05 4.91
C PHE B 48 -9.89 -17.03 6.29
N VAL B 49 -10.36 -18.18 6.78
CA VAL B 49 -10.92 -18.24 8.12
C VAL B 49 -9.88 -17.84 9.15
N ALA B 50 -8.64 -18.31 9.00
CA ALA B 50 -7.62 -17.94 9.98
C ALA B 50 -7.37 -16.43 9.95
N ILE B 51 -7.43 -15.83 8.76
CA ILE B 51 -7.32 -14.36 8.65
C ILE B 51 -8.45 -13.67 9.41
N GLY B 52 -9.67 -14.19 9.29
CA GLY B 52 -10.81 -13.64 10.02
C GLY B 52 -10.73 -13.87 11.53
N LEU B 53 -10.08 -14.95 11.95
CA LEU B 53 -9.92 -15.22 13.38
C LEU B 53 -8.80 -14.41 14.02
N ALA B 54 -7.80 -14.00 13.24
CA ALA B 54 -6.63 -13.33 13.83
C ALA B 54 -6.99 -12.08 14.64
N PRO B 55 -7.93 -11.23 14.23
CA PRO B 55 -8.34 -10.11 15.11
C PRO B 55 -9.10 -10.53 16.35
N LEU B 56 -9.61 -11.77 16.40
CA LEU B 56 -10.42 -12.25 17.51
C LEU B 56 -9.60 -13.06 18.51
N SER B 57 -8.68 -13.89 18.01
CA SER B 57 -7.90 -14.78 18.85
C SER B 57 -6.77 -15.34 18.02
N VAL B 58 -5.54 -14.86 18.24
CA VAL B 58 -4.40 -15.41 17.52
C VAL B 58 -4.28 -16.90 17.80
N GLU B 59 -4.58 -17.31 19.04
CA GLU B 59 -4.49 -18.71 19.39
C GLU B 59 -5.41 -19.56 18.52
N ARG B 60 -6.68 -19.15 18.39
CA ARG B 60 -7.61 -19.93 17.60
C ARG B 60 -7.31 -19.84 16.12
N ALA B 61 -6.75 -18.71 15.64
CA ALA B 61 -6.32 -18.63 14.26
C ALA B 61 -5.24 -19.66 13.96
N VAL B 62 -4.30 -19.84 14.91
CA VAL B 62 -3.22 -20.80 14.73
C VAL B 62 -3.76 -22.22 14.75
N VAL B 63 -4.78 -22.48 15.58
CA VAL B 63 -5.39 -23.82 15.64
C VAL B 63 -6.00 -24.17 14.30
N GLU B 64 -6.57 -23.18 13.61
CA GLU B 64 -7.20 -23.49 12.34
C GLU B 64 -6.19 -24.00 11.33
N LEU B 65 -5.02 -23.35 11.26
CA LEU B 65 -3.97 -23.79 10.34
C LEU B 65 -3.32 -25.07 10.84
N ASP B 66 -3.17 -25.22 12.16
CA ASP B 66 -2.64 -26.49 12.68
C ASP B 66 -3.53 -27.66 12.26
N THR B 67 -4.84 -27.49 12.34
CA THR B 67 -5.73 -28.58 11.96
C THR B 67 -5.61 -28.89 10.49
N LEU B 68 -5.56 -27.86 9.64
CA LEU B 68 -5.37 -28.10 8.22
C LEU B 68 -4.05 -28.82 7.95
N LEU B 69 -2.96 -28.37 8.57
CA LEU B 69 -1.66 -28.98 8.28
C LEU B 69 -1.58 -30.38 8.85
N SER B 70 -2.34 -30.68 9.91
CA SER B 70 -2.34 -32.05 10.41
C SER B 70 -2.91 -33.04 9.39
N ALA B 71 -3.61 -32.53 8.36
CA ALA B 71 -4.18 -33.35 7.31
C ALA B 71 -3.33 -33.34 6.04
N GLN B 72 -2.16 -32.73 6.08
CA GLN B 72 -1.26 -32.73 4.94
C GLN B 72 -0.84 -34.14 4.57
N TRP B 73 -0.80 -34.41 3.27
CA TRP B 73 -0.34 -35.70 2.79
C TRP B 73 1.16 -35.86 3.00
N ARG B 74 1.62 -37.11 2.94
N ARG B 74 1.60 -37.13 2.96
CA ARG B 74 3.00 -37.45 3.25
CA ARG B 74 2.99 -37.51 3.20
C ARG B 74 3.97 -37.04 2.14
C ARG B 74 3.94 -36.86 2.20
N ASN B 75 3.48 -36.60 0.98
CA ASN B 75 4.31 -35.98 -0.04
C ASN B 75 4.31 -34.45 0.06
N GLY B 76 3.54 -33.89 1.00
CA GLY B 76 3.45 -32.43 1.15
C GLY B 76 2.16 -31.82 0.65
N MET B 77 1.34 -32.54 -0.11
CA MET B 77 0.11 -31.95 -0.61
C MET B 77 -0.87 -31.59 0.51
N ILE B 78 -1.41 -30.38 0.47
CA ILE B 78 -2.55 -30.02 1.30
C ILE B 78 -3.81 -30.34 0.52
N PRO B 79 -4.63 -31.29 0.96
CA PRO B 79 -5.84 -31.66 0.22
C PRO B 79 -6.90 -30.59 0.38
N HIS B 80 -7.82 -30.52 -0.58
CA HIS B 80 -8.70 -29.36 -0.56
C HIS B 80 -9.85 -29.52 0.43
N ILE B 81 -10.18 -30.73 0.86
CA ILE B 81 -11.18 -30.90 1.91
C ILE B 81 -10.60 -31.74 3.03
N VAL B 82 -10.82 -31.30 4.26
CA VAL B 82 -10.63 -32.13 5.46
C VAL B 82 -12.00 -32.36 6.05
N PHE B 83 -12.48 -33.60 6.02
CA PHE B 83 -13.84 -33.88 6.44
C PHE B 83 -13.98 -33.87 7.95
N ALA B 84 -15.09 -33.31 8.42
CA ALA B 84 -15.43 -33.37 9.84
C ALA B 84 -15.91 -34.78 10.17
N ASN B 85 -15.48 -35.29 11.31
CA ASN B 85 -15.82 -36.66 11.68
C ASN B 85 -17.33 -36.82 11.79
N GLY B 86 -17.86 -37.87 11.14
CA GLY B 86 -19.24 -38.25 11.24
C GLY B 86 -20.23 -37.38 10.48
N VAL B 87 -19.77 -36.35 9.77
CA VAL B 87 -20.67 -35.39 9.14
C VAL B 87 -20.98 -35.85 7.71
N ASP B 88 -22.25 -35.88 7.39
CA ASP B 88 -22.75 -36.18 6.04
C ASP B 88 -23.51 -34.95 5.53
N GLY B 89 -24.19 -35.10 4.40
CA GLY B 89 -24.87 -33.98 3.79
C GLY B 89 -24.02 -33.17 2.83
N TYR B 90 -22.77 -33.55 2.62
CA TYR B 90 -21.96 -33.03 1.51
C TYR B 90 -21.60 -34.19 0.58
N PHE B 91 -21.65 -33.93 -0.73
CA PHE B 91 -21.24 -34.92 -1.71
C PHE B 91 -20.35 -34.27 -2.75
N PRO B 92 -19.23 -34.92 -3.16
CA PRO B 92 -18.76 -36.25 -2.74
C PRO B 92 -18.09 -36.23 -1.36
N GLY B 93 -18.52 -37.15 -0.51
CA GLY B 93 -17.90 -37.33 0.78
C GLY B 93 -16.75 -38.33 0.73
N PRO B 94 -16.21 -38.65 1.90
CA PRO B 94 -14.98 -39.46 1.95
C PRO B 94 -15.15 -40.87 1.40
N ALA B 95 -16.35 -41.43 1.39
CA ALA B 95 -16.51 -42.76 0.80
C ALA B 95 -16.29 -42.70 -0.70
N ARG B 96 -16.72 -41.60 -1.33
CA ARG B 96 -16.55 -41.44 -2.77
C ARG B 96 -15.08 -41.25 -3.13
N TRP B 97 -14.35 -40.44 -2.36
CA TRP B 97 -12.93 -40.26 -2.65
C TRP B 97 -12.14 -41.53 -2.39
N ALA B 98 -12.47 -42.24 -1.30
CA ALA B 98 -11.79 -43.47 -0.89
C ALA B 98 -10.28 -43.28 -0.78
N THR B 99 -9.84 -42.08 -0.40
CA THR B 99 -8.41 -41.84 -0.25
C THR B 99 -7.80 -42.59 0.92
N ALA B 100 -8.58 -42.83 1.98
CA ALA B 100 -8.05 -43.56 3.13
C ALA B 100 -7.61 -44.97 2.76
N THR B 101 -8.33 -45.60 1.84
CA THR B 101 -7.94 -46.96 1.46
C THR B 101 -6.95 -46.97 0.30
N LEU B 102 -7.11 -46.07 -0.67
CA LEU B 102 -6.38 -46.13 -1.93
C LEU B 102 -5.09 -45.32 -1.95
N ALA B 103 -5.08 -44.13 -1.34
CA ALA B 103 -3.97 -43.19 -1.51
C ALA B 103 -2.88 -43.49 -0.49
N ASP B 104 -1.71 -43.93 -0.98
CA ASP B 104 -0.59 -44.24 -0.09
C ASP B 104 -0.13 -43.02 0.71
N ASN B 105 -0.33 -41.80 0.20
CA ASN B 105 0.17 -40.62 0.91
C ASN B 105 -0.88 -39.97 1.80
N ALA B 106 -2.08 -40.51 1.85
CA ALA B 106 -3.13 -39.88 2.65
C ALA B 106 -2.74 -39.89 4.13
N PRO B 107 -3.21 -38.92 4.90
CA PRO B 107 -2.90 -38.89 6.34
C PRO B 107 -3.61 -40.02 7.08
N ARG B 108 -3.11 -40.35 8.26
N ARG B 108 -3.01 -40.42 8.18
CA ARG B 108 -3.55 -41.54 9.00
CA ARG B 108 -3.64 -41.35 9.11
C ARG B 108 -4.69 -41.29 9.98
C ARG B 108 -4.51 -40.56 10.09
N ASN B 109 -4.71 -40.15 10.69
N ASN B 109 -5.68 -41.13 10.40
CA ASN B 109 -5.80 -39.86 11.62
CA ASN B 109 -6.63 -40.61 11.38
C ASN B 109 -6.66 -38.71 11.10
C ASN B 109 -7.11 -39.19 11.08
N ARG B 110 -7.00 -38.75 9.81
CA ARG B 110 -7.81 -37.69 9.22
C ARG B 110 -8.40 -38.23 7.92
N LEU B 111 -9.61 -37.78 7.57
CA LEU B 111 -10.23 -38.12 6.29
C LEU B 111 -10.18 -36.90 5.39
N THR B 112 -9.68 -37.06 4.16
CA THR B 112 -9.50 -35.90 3.27
C THR B 112 -9.94 -36.24 1.86
N SER B 113 -10.05 -35.19 1.03
CA SER B 113 -10.16 -35.36 -0.41
C SER B 113 -8.81 -35.79 -1.00
N GLY B 114 -8.76 -35.93 -2.33
CA GLY B 114 -7.55 -36.37 -3.01
C GLY B 114 -6.98 -35.39 -4.02
N ILE B 115 -7.42 -34.14 -3.96
CA ILE B 115 -6.95 -33.07 -4.84
C ILE B 115 -6.54 -31.90 -3.95
N THR B 116 -5.96 -30.86 -4.57
CA THR B 116 -5.40 -29.74 -3.81
C THR B 116 -6.19 -28.45 -4.11
N GLN B 117 -5.67 -27.31 -3.65
CA GLN B 117 -6.32 -26.00 -3.82
C GLN B 117 -5.27 -24.91 -3.62
N PRO B 118 -5.59 -23.65 -3.93
CA PRO B 118 -4.54 -22.63 -4.06
C PRO B 118 -3.84 -22.37 -2.74
N PRO B 119 -2.54 -22.00 -2.80
CA PRO B 119 -1.73 -21.85 -1.57
C PRO B 119 -1.78 -20.44 -0.98
N VAL B 120 -2.97 -20.02 -0.55
N VAL B 120 -2.98 -20.04 -0.55
CA VAL B 120 -3.12 -18.74 0.14
CA VAL B 120 -3.18 -18.78 0.17
C VAL B 120 -2.70 -18.82 1.61
C VAL B 120 -2.59 -18.80 1.57
N HIS B 121 -2.25 -19.99 2.08
CA HIS B 121 -1.92 -20.17 3.48
C HIS B 121 -0.85 -19.22 4.00
N ALA B 122 0.22 -19.00 3.22
CA ALA B 122 1.26 -18.07 3.69
C ALA B 122 0.70 -16.66 3.94
N ILE B 123 -0.29 -16.24 3.18
CA ILE B 123 -0.90 -14.92 3.42
C ILE B 123 -1.58 -14.90 4.78
N ALA B 124 -2.26 -15.99 5.11
CA ALA B 124 -2.87 -16.09 6.43
C ALA B 124 -1.81 -16.03 7.52
N VAL B 125 -0.68 -16.71 7.32
CA VAL B 125 0.39 -16.67 8.32
C VAL B 125 0.89 -15.23 8.50
N GLN B 126 1.03 -14.49 7.40
CA GLN B 126 1.45 -13.09 7.51
C GLN B 126 0.45 -12.28 8.31
N ARG B 127 -0.85 -12.47 8.07
CA ARG B 127 -1.80 -11.66 8.83
C ARG B 127 -1.78 -12.05 10.31
N ILE B 128 -1.62 -13.34 10.61
CA ILE B 128 -1.56 -13.75 12.00
C ILE B 128 -0.37 -13.10 12.69
N LEU B 129 0.78 -13.08 12.03
CA LEU B 129 1.97 -12.47 12.62
C LEU B 129 1.79 -10.97 12.81
N GLU B 130 1.20 -10.30 11.83
CA GLU B 130 0.99 -8.85 11.99
C GLU B 130 0.07 -8.55 13.17
N HIS B 131 -1.03 -9.30 13.31
CA HIS B 131 -1.88 -9.11 14.49
C HIS B 131 -1.10 -9.38 15.77
N ALA B 132 -0.36 -10.50 15.81
CA ALA B 132 0.33 -10.92 17.02
C ALA B 132 1.34 -9.89 17.46
N ARG B 133 2.04 -9.26 16.50
CA ARG B 133 2.99 -8.24 16.86
C ARG B 133 2.33 -7.01 17.48
N THR B 134 1.04 -6.79 17.26
CA THR B 134 0.39 -5.67 17.93
C THR B 134 -0.15 -6.04 19.32
N ARG B 135 -0.11 -7.31 19.70
CA ARG B 135 -0.80 -7.77 20.90
C ARG B 135 0.13 -8.07 22.07
N GLY B 136 1.45 -7.98 21.91
CA GLY B 136 2.29 -8.14 23.08
C GLY B 136 2.96 -9.50 23.14
N ARG B 137 3.73 -9.68 24.22
CA ARG B 137 4.75 -10.73 24.26
C ARG B 137 4.15 -12.12 24.22
N SER B 138 3.12 -12.37 25.05
CA SER B 138 2.52 -13.70 25.11
C SER B 138 1.89 -14.11 23.77
N THR B 139 1.24 -13.16 23.09
CA THR B 139 0.61 -13.48 21.81
C THR B 139 1.65 -13.68 20.71
N ARG B 140 2.72 -12.88 20.72
CA ARG B 140 3.82 -13.13 19.79
C ARG B 140 4.41 -14.53 19.99
N ALA B 141 4.50 -14.99 21.24
CA ALA B 141 5.06 -16.30 21.50
C ALA B 141 4.20 -17.39 20.86
N VAL B 142 2.88 -17.24 20.92
CA VAL B 142 1.97 -18.20 20.28
C VAL B 142 2.26 -18.29 18.80
N ALA B 143 2.35 -17.16 18.12
CA ALA B 143 2.54 -17.15 16.68
C ALA B 143 3.94 -17.63 16.30
N GLU B 144 4.94 -17.30 17.11
CA GLU B 144 6.29 -17.79 16.86
C GLU B 144 6.38 -19.30 17.11
N ALA B 145 5.66 -19.81 18.10
CA ALA B 145 5.69 -21.26 18.32
C ALA B 145 5.07 -21.99 17.13
N PHE B 146 4.02 -21.42 16.55
CA PHE B 146 3.41 -21.99 15.35
C PHE B 146 4.41 -22.10 14.21
N LEU B 147 5.17 -21.02 13.96
CA LEU B 147 6.21 -21.06 12.94
C LEU B 147 7.23 -22.16 13.23
N ASP B 148 7.68 -22.24 14.49
CA ASP B 148 8.63 -23.30 14.85
C ASP B 148 8.06 -24.67 14.50
N ARG B 149 6.79 -24.87 14.79
CA ARG B 149 6.15 -26.18 14.67
C ARG B 149 5.75 -26.50 13.23
N ARG B 150 5.45 -25.48 12.42
CA ARG B 150 4.86 -25.69 11.10
C ARG B 150 5.68 -25.14 9.93
N TRP B 151 6.82 -24.48 10.18
CA TRP B 151 7.62 -23.98 9.06
C TRP B 151 7.96 -25.11 8.08
N GLY B 152 8.34 -26.28 8.61
CA GLY B 152 8.74 -27.38 7.75
C GLY B 152 7.57 -27.90 6.91
N ASP B 153 6.38 -27.98 7.50
CA ASP B 153 5.20 -28.41 6.74
C ASP B 153 4.84 -27.40 5.66
N LEU B 154 4.96 -26.10 5.97
CA LEU B 154 4.71 -25.09 4.94
C LEU B 154 5.71 -25.23 3.81
N MET B 155 6.99 -25.48 4.13
CA MET B 155 7.99 -25.67 3.07
C MET B 155 7.64 -26.88 2.22
N ARG B 156 7.21 -27.98 2.86
N ARG B 156 7.21 -27.98 2.86
CA ARG B 156 6.89 -29.20 2.12
CA ARG B 156 6.90 -29.20 2.10
C ARG B 156 5.69 -28.99 1.20
C ARG B 156 5.68 -29.02 1.22
N TRP B 157 4.73 -28.17 1.65
CA TRP B 157 3.59 -27.78 0.80
C TRP B 157 4.07 -27.03 -0.44
N HIS B 158 4.82 -25.94 -0.26
CA HIS B 158 5.32 -25.19 -1.42
C HIS B 158 6.22 -26.04 -2.31
N ARG B 159 7.05 -26.91 -1.71
CA ARG B 159 7.94 -27.74 -2.52
C ARG B 159 7.17 -28.79 -3.31
N TRP B 160 6.07 -29.33 -2.74
CA TRP B 160 5.28 -30.28 -3.53
C TRP B 160 4.63 -29.59 -4.74
N LEU B 161 4.10 -28.39 -4.55
CA LEU B 161 3.57 -27.65 -5.70
C LEU B 161 4.66 -27.41 -6.74
N ALA B 162 5.81 -26.88 -6.31
CA ALA B 162 6.88 -26.52 -7.25
C ALA B 162 7.44 -27.73 -7.97
N GLU B 163 7.57 -28.87 -7.28
CA GLU B 163 8.23 -30.01 -7.90
C GLU B 163 7.26 -30.97 -8.57
N CYS B 164 6.06 -31.15 -8.02
CA CYS B 164 5.16 -32.17 -8.53
C CYS B 164 4.05 -31.63 -9.40
N ARG B 165 3.67 -30.34 -9.27
CA ARG B 165 2.68 -29.75 -10.16
C ARG B 165 3.31 -28.80 -11.17
N ASP B 166 4.63 -28.71 -11.20
CA ASP B 166 5.37 -27.97 -12.22
C ASP B 166 6.60 -28.81 -12.59
N ARG B 167 6.33 -30.04 -13.02
CA ARG B 167 7.39 -31.00 -13.30
C ARG B 167 8.37 -30.50 -14.35
N ASN B 168 7.95 -29.64 -15.25
CA ASN B 168 8.80 -29.17 -16.33
C ASN B 168 9.41 -27.80 -16.06
N GLU B 169 9.25 -27.28 -14.84
CA GLU B 169 9.78 -25.99 -14.44
C GLU B 169 9.37 -24.92 -15.44
N ARG B 170 8.09 -24.90 -15.75
CA ARG B 170 7.52 -23.83 -16.57
C ARG B 170 7.04 -22.66 -15.74
N GLY B 171 7.05 -22.78 -14.40
CA GLY B 171 6.56 -21.69 -13.58
C GLY B 171 5.05 -21.55 -13.59
N ARG B 172 4.32 -22.64 -13.86
CA ARG B 172 2.87 -22.63 -13.73
C ARG B 172 2.44 -23.96 -13.13
N ILE B 173 1.36 -23.91 -12.35
CA ILE B 173 0.82 -25.09 -11.68
C ILE B 173 -0.15 -25.84 -12.59
N THR B 174 0.10 -27.14 -12.77
CA THR B 174 -0.85 -28.01 -13.46
C THR B 174 -1.94 -28.49 -12.48
N LEU B 175 -3.20 -28.45 -12.93
CA LEU B 175 -4.32 -29.01 -12.17
C LEU B 175 -4.88 -30.22 -12.88
N TYR B 176 -5.38 -31.18 -12.09
CA TYR B 176 -6.04 -32.34 -12.64
C TYR B 176 -7.55 -32.32 -12.43
N HIS B 177 -8.08 -31.23 -11.91
CA HIS B 177 -9.50 -31.08 -11.63
C HIS B 177 -9.80 -29.59 -11.54
N GLY B 178 -10.93 -29.17 -12.11
CA GLY B 178 -11.28 -27.77 -11.97
C GLY B 178 -11.55 -27.36 -10.54
N TRP B 179 -11.93 -28.32 -9.68
CA TRP B 179 -12.12 -27.99 -8.28
C TRP B 179 -10.84 -27.46 -7.65
N GLU B 180 -9.67 -27.89 -8.16
CA GLU B 180 -8.39 -27.41 -7.64
C GLU B 180 -8.16 -25.94 -7.90
N SER B 181 -8.88 -25.38 -8.87
CA SER B 181 -8.73 -23.95 -9.14
C SER B 181 -9.48 -23.08 -8.15
N GLY B 182 -10.40 -23.65 -7.35
CA GLY B 182 -11.31 -22.86 -6.55
C GLY B 182 -12.46 -22.25 -7.32
N MET B 183 -12.47 -22.33 -8.65
CA MET B 183 -13.48 -21.71 -9.49
C MET B 183 -14.14 -22.79 -10.32
N ASP B 184 -14.97 -23.60 -9.63
CA ASP B 184 -15.40 -24.91 -10.12
C ASP B 184 -15.91 -24.86 -11.55
N ASN B 185 -16.86 -23.96 -11.81
CA ASN B 185 -17.55 -23.93 -13.10
C ASN B 185 -17.16 -22.68 -13.88
N SER B 186 -15.99 -22.16 -13.63
CA SER B 186 -15.52 -21.01 -14.39
C SER B 186 -15.55 -21.30 -15.88
N PRO B 187 -15.94 -20.33 -16.71
CA PRO B 187 -15.74 -20.45 -18.16
C PRO B 187 -14.32 -20.81 -18.55
N ARG B 188 -13.34 -20.50 -17.70
CA ARG B 188 -11.94 -20.86 -17.98
C ARG B 188 -11.79 -22.32 -18.38
N TRP B 189 -12.55 -23.22 -17.75
CA TRP B 189 -12.34 -24.64 -17.94
C TRP B 189 -13.28 -25.27 -18.94
N ASP B 190 -14.11 -24.48 -19.65
CA ASP B 190 -15.16 -25.11 -20.46
C ASP B 190 -14.59 -25.92 -21.61
N SER B 191 -13.60 -25.39 -22.33
CA SER B 191 -13.12 -26.16 -23.46
C SER B 191 -12.30 -27.38 -23.02
N ALA B 192 -11.72 -27.36 -21.82
CA ALA B 192 -11.04 -28.56 -21.35
C ALA B 192 -12.04 -29.62 -20.87
N TYR B 193 -13.10 -29.20 -20.17
CA TYR B 193 -14.12 -30.14 -19.72
C TYR B 193 -14.86 -30.73 -20.90
N ALA B 194 -15.00 -30.00 -22.01
CA ALA B 194 -15.68 -30.52 -23.19
C ALA B 194 -15.00 -31.77 -23.74
N ASN B 195 -13.73 -31.97 -23.40
CA ASN B 195 -12.98 -33.16 -23.80
C ASN B 195 -12.96 -34.24 -22.73
N VAL B 196 -13.71 -34.08 -21.66
CA VAL B 196 -13.84 -35.10 -20.62
C VAL B 196 -15.08 -35.91 -20.94
N VAL B 197 -14.89 -37.19 -21.22
CA VAL B 197 -15.96 -38.07 -21.65
C VAL B 197 -16.14 -39.17 -20.60
N PRO B 198 -17.14 -39.04 -19.73
CA PRO B 198 -17.31 -40.03 -18.66
C PRO B 198 -17.64 -41.39 -19.23
N GLY B 199 -17.00 -42.42 -18.66
CA GLY B 199 -17.37 -43.79 -18.93
C GLY B 199 -18.51 -44.21 -18.03
N LYS B 200 -18.47 -45.46 -17.58
CA LYS B 200 -19.47 -45.98 -16.66
C LYS B 200 -19.25 -45.35 -15.30
N LEU B 201 -20.08 -44.36 -14.98
CA LEU B 201 -19.90 -43.57 -13.78
C LEU B 201 -20.80 -44.12 -12.70
N PRO B 202 -20.26 -44.58 -11.57
CA PRO B 202 -21.11 -45.14 -10.51
C PRO B 202 -22.15 -44.13 -10.08
N GLU B 203 -23.39 -44.60 -9.92
CA GLU B 203 -24.50 -43.70 -9.70
C GLU B 203 -24.28 -42.85 -8.46
N TYR B 204 -24.96 -41.72 -8.42
CA TYR B 204 -24.82 -40.80 -7.30
C TYR B 204 -26.01 -39.85 -7.28
N GLN B 205 -26.21 -39.23 -6.12
CA GLN B 205 -27.21 -38.19 -5.94
C GLN B 205 -26.52 -36.94 -5.39
N ARG B 206 -26.70 -35.81 -6.08
CA ARG B 206 -26.14 -34.55 -5.59
C ARG B 206 -26.77 -34.16 -4.26
N ALA B 207 -25.97 -33.57 -3.38
CA ALA B 207 -26.49 -32.95 -2.16
C ALA B 207 -26.51 -31.44 -2.23
N ASP B 208 -25.69 -30.82 -3.09
CA ASP B 208 -25.52 -29.37 -3.07
C ASP B 208 -26.79 -28.65 -3.50
N ASN B 209 -27.52 -29.20 -4.45
CA ASN B 209 -28.73 -28.56 -4.95
C ASN B 209 -29.98 -28.99 -4.19
N VAL B 210 -29.83 -29.81 -3.15
CA VAL B 210 -30.91 -29.93 -2.16
C VAL B 210 -30.90 -28.75 -1.20
N ILE B 211 -29.72 -28.21 -0.93
CA ILE B 211 -29.55 -27.05 -0.06
C ILE B 211 -29.73 -25.75 -0.82
N ILE B 212 -29.06 -25.57 -1.96
CA ILE B 212 -29.32 -24.46 -2.87
C ILE B 212 -30.21 -25.00 -3.99
N THR B 213 -31.52 -24.82 -3.85
CA THR B 213 -32.43 -25.46 -4.78
C THR B 213 -32.55 -24.71 -6.11
N ASP B 214 -32.32 -23.39 -6.11
CA ASP B 214 -32.40 -22.59 -7.32
C ASP B 214 -31.36 -23.08 -8.33
N PRO B 215 -31.78 -23.69 -9.43
CA PRO B 215 -30.80 -24.30 -10.35
C PRO B 215 -29.90 -23.30 -11.03
N SER B 216 -30.32 -22.04 -11.17
CA SER B 216 -29.50 -21.02 -11.83
C SER B 216 -28.26 -20.63 -11.02
N GLN B 217 -28.12 -21.11 -9.78
CA GLN B 217 -27.02 -20.66 -8.93
C GLN B 217 -25.88 -21.66 -8.81
N ARG B 218 -26.04 -22.88 -9.31
CA ARG B 218 -25.12 -23.99 -9.09
C ARG B 218 -24.79 -24.62 -10.43
N PRO B 219 -23.70 -25.40 -10.52
CA PRO B 219 -23.37 -26.12 -11.76
C PRO B 219 -24.45 -27.09 -12.19
N SER B 220 -24.41 -27.48 -13.47
CA SER B 220 -25.41 -28.39 -14.01
C SER B 220 -25.08 -29.84 -13.67
N ASP B 221 -26.08 -30.72 -13.90
CA ASP B 221 -25.88 -32.16 -13.73
C ASP B 221 -24.80 -32.69 -14.67
N GLY B 222 -24.83 -32.27 -15.94
CA GLY B 222 -23.78 -32.67 -16.86
C GLY B 222 -22.39 -32.27 -16.37
N GLU B 223 -22.29 -31.08 -15.77
CA GLU B 223 -21.02 -30.66 -15.20
C GLU B 223 -20.59 -31.55 -14.04
N TYR B 224 -21.53 -31.88 -13.15
CA TYR B 224 -21.19 -32.76 -12.03
C TYR B 224 -20.74 -34.14 -12.52
N ASP B 225 -21.32 -34.64 -13.61
CA ASP B 225 -20.87 -35.95 -14.14
C ASP B 225 -19.40 -35.92 -14.51
N ARG B 226 -18.94 -34.84 -15.13
CA ARG B 226 -17.52 -34.73 -15.46
C ARG B 226 -16.66 -34.59 -14.22
N TYR B 227 -17.09 -33.78 -13.23
CA TYR B 227 -16.35 -33.65 -11.99
C TYR B 227 -16.16 -35.02 -11.34
N LEU B 228 -17.23 -35.81 -11.30
CA LEU B 228 -17.17 -37.10 -10.64
C LEU B 228 -16.38 -38.10 -11.47
N TRP B 229 -16.41 -37.96 -12.80
CA TRP B 229 -15.65 -38.89 -13.62
C TRP B 229 -14.16 -38.71 -13.42
N LEU B 230 -13.70 -37.46 -13.28
CA LEU B 230 -12.28 -37.24 -13.00
C LEU B 230 -11.85 -37.94 -11.71
N LEU B 231 -12.72 -37.97 -10.70
CA LEU B 231 -12.43 -38.73 -9.48
C LEU B 231 -12.19 -40.19 -9.80
N GLU B 232 -13.02 -40.78 -10.67
CA GLU B 232 -12.82 -42.19 -11.02
C GLU B 232 -11.45 -42.39 -11.65
N GLU B 233 -10.99 -41.44 -12.47
CA GLU B 233 -9.68 -41.58 -13.11
C GLU B 233 -8.56 -41.54 -12.08
N MET B 234 -8.64 -40.61 -11.11
CA MET B 234 -7.62 -40.55 -10.06
C MET B 234 -7.63 -41.80 -9.17
N LYS B 235 -8.83 -42.28 -8.81
CA LYS B 235 -8.92 -43.47 -7.96
C LYS B 235 -8.30 -44.68 -8.63
N ALA B 236 -8.50 -44.80 -9.95
CA ALA B 236 -7.96 -45.93 -10.68
C ALA B 236 -6.44 -45.99 -10.62
N VAL B 237 -5.76 -44.88 -10.37
CA VAL B 237 -4.32 -44.92 -10.23
C VAL B 237 -3.90 -44.63 -8.79
N ARG B 238 -4.82 -44.80 -7.85
CA ARG B 238 -4.53 -44.68 -6.42
C ARG B 238 -3.94 -43.32 -6.06
N TYR B 239 -4.36 -42.29 -6.78
CA TYR B 239 -3.95 -40.92 -6.50
C TYR B 239 -2.44 -40.73 -6.60
N ASP B 240 -1.76 -41.55 -7.40
CA ASP B 240 -0.30 -41.54 -7.50
C ASP B 240 0.15 -40.39 -8.40
N ASP B 241 0.95 -39.47 -7.83
CA ASP B 241 1.45 -38.31 -8.60
C ASP B 241 2.12 -38.72 -9.89
N GLU B 242 2.94 -39.78 -9.84
CA GLU B 242 3.70 -40.21 -11.01
C GLU B 242 2.81 -40.72 -12.13
N ARG B 243 1.60 -41.17 -11.81
CA ARG B 243 0.75 -41.80 -12.80
C ARG B 243 -0.32 -40.88 -13.34
N LEU B 244 -0.64 -39.79 -12.63
CA LEU B 244 -1.71 -38.89 -13.07
C LEU B 244 -1.48 -38.33 -14.47
N PRO B 245 -0.28 -37.89 -14.87
CA PRO B 245 -0.14 -37.33 -16.21
C PRO B 245 -0.50 -38.30 -17.31
N SER B 246 -0.38 -39.62 -17.05
CA SER B 246 -0.70 -40.62 -18.05
C SER B 246 -2.20 -40.91 -18.17
N VAL B 247 -3.00 -40.60 -17.16
CA VAL B 247 -4.39 -41.06 -17.17
C VAL B 247 -5.41 -39.93 -17.15
N MET B 248 -5.07 -38.74 -16.66
CA MET B 248 -6.10 -37.73 -16.42
C MET B 248 -6.59 -37.12 -17.73
N SER B 249 -7.92 -37.05 -17.88
CA SER B 249 -8.56 -36.45 -19.04
C SER B 249 -8.58 -34.92 -18.98
N PHE B 250 -8.16 -34.35 -17.86
CA PHE B 250 -8.19 -32.91 -17.64
C PHE B 250 -6.84 -32.55 -17.09
N GLN B 251 -6.07 -31.75 -17.83
CA GLN B 251 -4.75 -31.30 -17.39
C GLN B 251 -4.59 -29.87 -17.88
N VAL B 252 -4.59 -28.93 -16.96
CA VAL B 252 -4.54 -27.51 -17.30
C VAL B 252 -3.53 -26.83 -16.40
N GLU B 253 -2.90 -25.78 -16.94
CA GLU B 253 -2.06 -24.90 -16.15
C GLU B 253 -2.90 -23.69 -15.76
N ASP B 254 -3.00 -23.45 -14.45
CA ASP B 254 -3.91 -22.46 -13.87
C ASP B 254 -3.07 -21.23 -13.54
N VAL B 255 -3.23 -20.16 -14.33
CA VAL B 255 -2.39 -18.98 -14.15
C VAL B 255 -2.76 -18.20 -12.88
N PHE B 256 -4.01 -18.28 -12.41
CA PHE B 256 -4.39 -17.58 -11.18
C PHE B 256 -3.79 -18.28 -9.97
N PHE B 257 -3.93 -19.60 -9.90
CA PHE B 257 -3.25 -20.41 -8.89
C PHE B 257 -1.74 -20.13 -8.90
N SER B 258 -1.15 -20.10 -10.10
CA SER B 258 0.30 -19.84 -10.23
C SER B 258 0.68 -18.46 -9.68
N ALA B 259 -0.13 -17.43 -9.93
CA ALA B 259 0.18 -16.10 -9.41
C ALA B 259 0.05 -16.06 -7.89
N ILE B 260 -0.98 -16.72 -7.35
CA ILE B 260 -1.11 -16.84 -5.90
C ILE B 260 0.12 -17.53 -5.32
N PHE B 261 0.57 -18.60 -5.98
CA PHE B 261 1.75 -19.31 -5.49
C PHE B 261 2.97 -18.42 -5.48
N SER B 262 3.16 -17.62 -6.55
CA SER B 262 4.27 -16.68 -6.56
C SER B 262 4.22 -15.74 -5.37
N VAL B 263 3.05 -15.10 -5.16
CA VAL B 263 2.87 -14.18 -4.03
C VAL B 263 3.15 -14.91 -2.73
N ALA B 264 2.60 -16.12 -2.58
CA ALA B 264 2.74 -16.86 -1.33
C ALA B 264 4.19 -17.21 -1.05
N CYS B 265 4.96 -17.59 -2.09
CA CYS B 265 6.38 -17.86 -1.91
C CYS B 265 7.14 -16.63 -1.46
N GLN B 266 6.85 -15.48 -2.06
CA GLN B 266 7.51 -14.24 -1.66
C GLN B 266 7.14 -13.88 -0.21
N VAL B 267 5.87 -14.00 0.15
CA VAL B 267 5.42 -13.74 1.52
C VAL B 267 6.12 -14.67 2.49
N LEU B 268 6.15 -15.97 2.17
CA LEU B 268 6.78 -16.91 3.08
C LEU B 268 8.29 -16.70 3.17
N ALA B 269 8.93 -16.28 2.07
CA ALA B 269 10.36 -15.98 2.14
C ALA B 269 10.65 -14.83 3.12
N GLU B 270 9.85 -13.74 3.06
CA GLU B 270 10.03 -12.61 3.96
C GLU B 270 9.81 -13.00 5.42
N ILE B 271 8.79 -13.83 5.69
CA ILE B 271 8.61 -14.39 7.02
C ILE B 271 9.85 -15.18 7.41
N GLY B 272 10.37 -15.98 6.48
CA GLY B 272 11.57 -16.77 6.78
C GLY B 272 12.74 -15.90 7.16
N GLU B 273 12.93 -14.77 6.45
CA GLU B 273 14.04 -13.89 6.80
C GLU B 273 13.82 -13.25 8.16
N ASP B 274 12.60 -12.78 8.42
CA ASP B 274 12.31 -12.12 9.69
C ASP B 274 12.44 -13.05 10.89
N TYR B 275 12.09 -14.34 10.74
CA TYR B 275 12.13 -15.26 11.88
C TYR B 275 13.29 -16.25 11.78
N LYS B 276 14.33 -15.90 11.01
CA LYS B 276 15.59 -16.61 11.03
C LYS B 276 15.43 -18.10 10.72
N ARG B 277 14.62 -18.40 9.71
N ARG B 277 14.63 -18.39 9.71
CA ARG B 277 14.47 -19.77 9.23
CA ARG B 277 14.48 -19.75 9.20
C ARG B 277 15.67 -20.11 8.33
C ARG B 277 15.71 -20.12 8.38
N PRO B 278 15.87 -21.39 8.01
CA PRO B 278 17.09 -21.78 7.28
C PRO B 278 17.28 -21.04 5.96
N HIS B 279 18.54 -20.67 5.69
N HIS B 279 18.53 -20.67 5.68
CA HIS B 279 18.85 -19.88 4.50
CA HIS B 279 18.81 -19.86 4.50
C HIS B 279 18.45 -20.61 3.22
C HIS B 279 18.42 -20.60 3.22
N ALA B 280 18.65 -21.92 3.18
CA ALA B 280 18.32 -22.70 1.98
C ALA B 280 16.83 -22.65 1.66
N ASP B 281 15.98 -22.66 2.70
CA ASP B 281 14.54 -22.55 2.50
C ASP B 281 14.18 -21.19 1.92
N VAL B 282 14.70 -20.13 2.53
CA VAL B 282 14.40 -18.79 2.05
C VAL B 282 14.82 -18.64 0.59
N LYS B 283 16.01 -19.16 0.24
N LYS B 283 16.03 -19.12 0.25
CA LYS B 283 16.50 -19.05 -1.13
CA LYS B 283 16.49 -19.04 -1.14
C LYS B 283 15.60 -19.81 -2.11
C LYS B 283 15.52 -19.76 -2.07
N ASP B 284 15.11 -20.98 -1.71
CA ASP B 284 14.18 -21.73 -2.56
C ASP B 284 12.88 -20.98 -2.75
N LEU B 285 12.37 -20.35 -1.69
CA LEU B 285 11.11 -19.62 -1.81
C LEU B 285 11.26 -18.42 -2.75
N TYR B 286 12.37 -17.69 -2.65
CA TYR B 286 12.59 -16.58 -3.58
C TYR B 286 12.75 -17.08 -5.02
N LEU B 287 13.42 -18.22 -5.19
CA LEU B 287 13.56 -18.83 -6.51
C LEU B 287 12.19 -19.17 -7.11
N TRP B 288 11.33 -19.85 -6.32
CA TRP B 288 9.99 -20.18 -6.80
C TRP B 288 9.15 -18.94 -7.05
N ALA B 289 9.23 -17.94 -6.16
CA ALA B 289 8.45 -16.72 -6.40
C ALA B 289 8.79 -16.12 -7.76
N GLU B 290 10.07 -16.09 -8.11
CA GLU B 290 10.47 -15.52 -9.40
C GLU B 290 10.05 -16.43 -10.54
N ARG B 291 10.24 -17.74 -10.37
CA ARG B 291 9.88 -18.67 -11.45
C ARG B 291 8.41 -18.57 -11.81
N PHE B 292 7.55 -18.49 -10.81
CA PHE B 292 6.11 -18.46 -11.06
C PHE B 292 5.64 -17.08 -11.47
N ARG B 293 6.30 -16.01 -11.01
CA ARG B 293 6.03 -14.69 -11.58
C ARG B 293 6.32 -14.69 -13.09
N ALA B 294 7.49 -15.22 -13.49
CA ALA B 294 7.83 -15.29 -14.90
C ALA B 294 6.86 -16.21 -15.65
N GLY B 295 6.47 -17.32 -15.03
CA GLY B 295 5.54 -18.23 -15.68
C GLY B 295 4.20 -17.57 -15.95
N VAL B 296 3.74 -16.76 -15.00
CA VAL B 296 2.48 -16.04 -15.19
C VAL B 296 2.63 -15.03 -16.31
N VAL B 297 3.72 -14.26 -16.29
CA VAL B 297 3.93 -13.24 -17.34
C VAL B 297 4.00 -13.89 -18.72
N GLU B 298 4.55 -15.11 -18.81
CA GLU B 298 4.71 -15.71 -20.11
C GLU B 298 3.36 -15.97 -20.78
N THR B 299 2.29 -16.11 -19.99
CA THR B 299 0.96 -16.38 -20.54
C THR B 299 0.28 -15.16 -21.13
N THR B 300 0.81 -13.95 -20.96
CA THR B 300 -0.02 -12.76 -21.08
C THR B 300 -0.06 -12.23 -22.52
N ASP B 301 -1.23 -11.71 -22.87
CA ASP B 301 -1.41 -11.02 -24.13
C ASP B 301 -0.45 -9.83 -24.17
N GLN B 302 0.30 -9.69 -25.28
CA GLN B 302 1.31 -8.64 -25.35
C GLN B 302 0.70 -7.24 -25.44
N ARG B 303 -0.55 -7.11 -25.88
CA ARG B 303 -1.13 -5.77 -25.89
C ARG B 303 -1.85 -5.46 -24.57
N THR B 304 -2.68 -6.38 -24.07
CA THR B 304 -3.53 -6.07 -22.94
C THR B 304 -3.00 -6.53 -21.60
N GLY B 305 -1.99 -7.40 -21.58
CA GLY B 305 -1.52 -7.97 -20.34
C GLY B 305 -2.35 -9.11 -19.80
N ALA B 306 -3.48 -9.44 -20.42
CA ALA B 306 -4.37 -10.43 -19.81
C ALA B 306 -3.71 -11.81 -19.79
N ALA B 307 -3.79 -12.49 -18.66
CA ALA B 307 -3.17 -13.80 -18.50
C ALA B 307 -4.10 -14.91 -18.98
N ARG B 308 -3.53 -15.91 -19.62
CA ARG B 308 -4.29 -17.03 -20.18
C ARG B 308 -3.94 -18.31 -19.43
N ASP B 309 -4.94 -19.14 -19.20
CA ASP B 309 -4.68 -20.52 -18.81
C ASP B 309 -4.19 -21.35 -20.02
N PHE B 310 -3.76 -22.59 -19.77
CA PHE B 310 -3.19 -23.40 -20.83
C PHE B 310 -3.71 -24.82 -20.69
N ASP B 311 -4.24 -25.36 -21.77
CA ASP B 311 -4.75 -26.74 -21.77
C ASP B 311 -3.58 -27.62 -22.21
N VAL B 312 -3.08 -28.41 -21.26
CA VAL B 312 -1.89 -29.22 -21.49
C VAL B 312 -2.19 -30.34 -22.48
N LEU B 313 -3.39 -30.93 -22.40
CA LEU B 313 -3.72 -32.01 -23.32
C LEU B 313 -3.91 -31.49 -24.74
N ALA B 314 -4.63 -30.38 -24.90
CA ALA B 314 -4.86 -29.84 -26.23
C ALA B 314 -3.68 -29.01 -26.72
N GLU B 315 -2.74 -28.69 -25.84
CA GLU B 315 -1.60 -27.83 -26.16
C GLU B 315 -2.06 -26.48 -26.71
N LYS B 316 -2.95 -25.81 -25.99
CA LYS B 316 -3.44 -24.55 -26.51
C LYS B 316 -3.78 -23.60 -25.37
N TRP B 317 -3.54 -22.31 -25.64
CA TRP B 317 -3.91 -21.28 -24.68
C TRP B 317 -5.41 -21.18 -24.56
N LEU B 318 -5.89 -21.05 -23.32
CA LEU B 318 -7.32 -20.88 -23.05
C LEU B 318 -7.58 -19.39 -22.93
N VAL B 319 -8.28 -18.84 -23.90
CA VAL B 319 -8.63 -17.42 -23.92
C VAL B 319 -10.05 -17.26 -23.43
N THR B 320 -10.22 -16.68 -22.23
CA THR B 320 -11.52 -16.43 -21.65
C THR B 320 -11.52 -15.07 -20.99
N GLU B 321 -12.71 -14.56 -20.69
CA GLU B 321 -12.86 -13.23 -20.10
C GLU B 321 -13.37 -13.33 -18.67
N THR B 322 -12.51 -13.82 -17.78
CA THR B 322 -12.84 -13.91 -16.38
C THR B 322 -11.85 -13.10 -15.55
N ALA B 323 -12.11 -13.09 -14.26
CA ALA B 323 -11.24 -12.37 -13.33
C ALA B 323 -9.84 -12.97 -13.25
N ALA B 324 -9.67 -14.23 -13.66
CA ALA B 324 -8.34 -14.84 -13.63
C ALA B 324 -7.37 -14.17 -14.60
N GLN B 325 -7.90 -13.45 -15.60
CA GLN B 325 -7.05 -12.67 -16.50
C GLN B 325 -6.16 -11.70 -15.73
N PHE B 326 -6.58 -11.29 -14.54
CA PHE B 326 -5.85 -10.28 -13.79
C PHE B 326 -4.80 -10.87 -12.87
N ALA B 327 -4.54 -12.18 -12.99
CA ALA B 327 -3.49 -12.86 -12.24
C ALA B 327 -2.17 -12.07 -12.16
N PRO B 328 -1.68 -11.47 -13.26
CA PRO B 328 -0.37 -10.78 -13.17
C PRO B 328 -0.39 -9.59 -12.24
N LEU B 329 -1.57 -9.00 -11.99
CA LEU B 329 -1.62 -7.88 -11.06
C LEU B 329 -1.28 -8.31 -9.65
N LEU B 330 -1.58 -9.57 -9.32
CA LEU B 330 -1.31 -10.05 -7.98
C LEU B 330 0.18 -10.21 -7.74
N CYS B 331 0.90 -10.81 -8.69
CA CYS B 331 2.29 -11.22 -8.44
C CYS B 331 3.31 -10.24 -8.99
N GLY B 332 2.91 -9.27 -9.82
CA GLY B 332 3.89 -8.38 -10.44
C GLY B 332 4.61 -9.05 -11.61
N GLY B 333 5.56 -8.31 -12.19
CA GLY B 333 6.43 -8.83 -13.22
C GLY B 333 6.14 -8.33 -14.62
N LEU B 334 4.97 -7.79 -14.88
CA LEU B 334 4.67 -7.32 -16.23
C LEU B 334 5.53 -6.09 -16.56
N PRO B 335 5.93 -5.94 -17.82
CA PRO B 335 6.44 -4.65 -18.28
C PRO B 335 5.44 -3.54 -18.03
N HIS B 336 5.98 -2.33 -17.84
CA HIS B 336 5.20 -1.19 -17.37
C HIS B 336 4.02 -0.89 -18.29
N ASP B 337 4.26 -0.82 -19.60
CA ASP B 337 3.17 -0.56 -20.54
C ASP B 337 2.08 -1.62 -20.46
N ARG B 338 2.47 -2.90 -20.34
CA ARG B 338 1.50 -3.98 -20.35
C ARG B 338 0.68 -3.98 -19.07
N GLU B 339 1.28 -3.59 -17.94
CA GLU B 339 0.50 -3.55 -16.71
C GLU B 339 -0.49 -2.39 -16.73
N ARG B 340 -0.10 -1.25 -17.30
CA ARG B 340 -1.07 -0.16 -17.45
C ARG B 340 -2.25 -0.60 -18.30
N ALA B 341 -1.99 -1.34 -19.38
CA ALA B 341 -3.07 -1.84 -20.22
C ALA B 341 -3.99 -2.78 -19.43
N LEU B 342 -3.40 -3.61 -18.58
CA LEU B 342 -4.20 -4.59 -17.86
C LEU B 342 -5.07 -3.90 -16.82
N LEU B 343 -4.52 -2.88 -16.17
CA LEU B 343 -5.31 -2.07 -15.25
C LEU B 343 -6.44 -1.36 -15.97
N LYS B 344 -6.20 -0.92 -17.20
CA LYS B 344 -7.26 -0.27 -17.96
C LYS B 344 -8.39 -1.25 -18.25
N LEU B 345 -8.06 -2.53 -18.53
CA LEU B 345 -9.08 -3.55 -18.70
C LEU B 345 -9.85 -3.77 -17.40
N LEU B 346 -9.14 -3.87 -16.29
CA LEU B 346 -9.79 -4.10 -15.01
C LEU B 346 -10.76 -2.98 -14.67
N GLU B 347 -10.38 -1.73 -14.91
CA GLU B 347 -11.20 -0.62 -14.44
C GLU B 347 -12.24 -0.19 -15.47
N GLY B 348 -12.22 -0.76 -16.66
CA GLY B 348 -13.05 -0.31 -17.74
C GLY B 348 -14.38 -1.03 -17.83
N PRO B 349 -15.11 -0.79 -18.94
CA PRO B 349 -16.50 -1.25 -19.02
C PRO B 349 -16.67 -2.76 -19.12
N ARG B 350 -15.59 -3.53 -19.24
CA ARG B 350 -15.72 -4.98 -19.26
C ARG B 350 -15.69 -5.60 -17.88
N PHE B 351 -15.17 -4.87 -16.90
CA PHE B 351 -15.13 -5.35 -15.53
C PHE B 351 -15.63 -4.28 -14.59
N CYS B 352 -14.77 -3.72 -13.74
CA CYS B 352 -15.25 -2.88 -12.64
C CYS B 352 -15.99 -1.66 -13.12
N GLY B 353 -15.76 -1.25 -14.35
CA GLY B 353 -16.42 -0.08 -14.90
C GLY B 353 -17.70 -0.36 -15.65
N HIS B 354 -18.23 -1.58 -15.61
CA HIS B 354 -19.42 -1.87 -16.38
C HIS B 354 -20.59 -1.03 -15.84
N PRO B 355 -21.34 -0.34 -16.70
CA PRO B 355 -22.32 0.66 -16.20
C PRO B 355 -23.47 0.09 -15.37
N ASP B 356 -23.74 -1.20 -15.44
CA ASP B 356 -24.89 -1.77 -14.75
C ASP B 356 -24.53 -2.35 -13.39
N LEU B 357 -23.25 -2.36 -13.02
CA LEU B 357 -22.85 -2.97 -11.77
C LEU B 357 -23.34 -2.13 -10.60
N LYS B 358 -23.82 -2.82 -9.56
CA LYS B 358 -24.29 -2.10 -8.38
C LYS B 358 -23.12 -1.54 -7.59
N TYR B 359 -22.02 -2.30 -7.51
CA TYR B 359 -20.81 -1.92 -6.78
C TYR B 359 -19.62 -1.89 -7.74
N GLY B 360 -18.63 -1.10 -7.40
CA GLY B 360 -17.37 -1.10 -8.13
C GLY B 360 -16.50 -2.27 -7.71
N LEU B 361 -16.88 -3.48 -8.12
CA LEU B 361 -16.23 -4.71 -7.69
C LEU B 361 -15.97 -5.56 -8.93
N ILE B 362 -15.14 -6.59 -8.77
CA ILE B 362 -14.68 -7.39 -9.91
C ILE B 362 -15.63 -8.58 -10.09
N PRO B 363 -16.41 -8.63 -11.17
CA PRO B 363 -17.24 -9.82 -11.41
C PRO B 363 -16.38 -11.01 -11.80
N SER B 364 -16.86 -12.22 -11.48
CA SER B 364 -16.03 -13.39 -11.72
C SER B 364 -15.85 -13.66 -13.22
N THR B 365 -16.85 -13.30 -14.04
CA THR B 365 -16.76 -13.33 -15.49
C THR B 365 -17.21 -11.98 -16.00
N SER B 366 -16.57 -11.50 -17.07
CA SER B 366 -16.95 -10.19 -17.62
C SER B 366 -18.41 -10.16 -18.02
N PRO B 367 -19.19 -9.17 -17.59
CA PRO B 367 -20.60 -9.08 -18.01
C PRO B 367 -20.78 -8.94 -19.51
N VAL B 368 -19.74 -8.59 -20.26
CA VAL B 368 -19.91 -8.52 -21.71
C VAL B 368 -19.53 -9.83 -22.40
N SER B 369 -18.99 -10.80 -21.67
CA SER B 369 -18.66 -12.10 -22.26
C SER B 369 -19.93 -12.85 -22.62
N ARG B 370 -19.89 -13.59 -23.73
CA ARG B 370 -20.99 -14.49 -24.07
C ARG B 370 -21.16 -15.59 -23.01
N ASP B 371 -20.13 -15.84 -22.21
CA ASP B 371 -20.19 -16.84 -21.14
C ASP B 371 -20.85 -16.32 -19.87
N PHE B 372 -21.14 -15.02 -19.81
CA PHE B 372 -21.63 -14.43 -18.57
C PHE B 372 -23.04 -14.95 -18.22
N ARG B 373 -23.22 -15.33 -16.95
CA ARG B 373 -24.49 -15.67 -16.33
C ARG B 373 -24.52 -15.02 -14.97
N PRO B 374 -25.44 -14.07 -14.73
CA PRO B 374 -25.34 -13.22 -13.52
C PRO B 374 -25.57 -13.94 -12.22
N ARG B 375 -26.11 -15.16 -12.21
CA ARG B 375 -26.39 -15.89 -10.98
C ARG B 375 -25.54 -17.14 -10.77
N GLU B 376 -24.79 -17.59 -11.78
CA GLU B 376 -24.36 -18.98 -11.85
C GLU B 376 -22.93 -19.17 -11.35
N TYR B 377 -22.75 -18.99 -10.03
CA TYR B 377 -21.52 -19.43 -9.36
C TYR B 377 -20.29 -18.64 -9.83
N TRP B 378 -19.40 -19.24 -10.61
CA TRP B 378 -18.21 -18.52 -11.06
C TRP B 378 -18.36 -17.93 -12.45
N ARG B 379 -19.57 -17.97 -13.02
CA ARG B 379 -19.79 -17.50 -14.38
C ARG B 379 -20.24 -16.03 -14.43
N GLY B 380 -20.05 -15.26 -13.35
CA GLY B 380 -20.51 -13.88 -13.38
C GLY B 380 -20.61 -13.20 -12.03
N PRO B 381 -21.11 -13.90 -11.01
CA PRO B 381 -21.31 -13.24 -9.71
C PRO B 381 -20.03 -12.63 -9.12
N VAL B 382 -20.24 -11.68 -8.21
CA VAL B 382 -19.16 -11.03 -7.47
C VAL B 382 -18.92 -11.81 -6.18
N TRP B 383 -17.67 -12.22 -5.94
CA TRP B 383 -17.32 -13.06 -4.79
C TRP B 383 -16.56 -12.23 -3.77
N PRO B 384 -17.07 -11.99 -2.56
CA PRO B 384 -16.28 -11.24 -1.56
C PRO B 384 -14.87 -11.80 -1.34
N VAL B 385 -14.69 -13.13 -1.46
CA VAL B 385 -13.35 -13.68 -1.21
C VAL B 385 -12.35 -13.15 -2.25
N LEU B 386 -12.79 -13.02 -3.50
CA LEU B 386 -11.93 -12.43 -4.54
C LEU B 386 -11.70 -10.95 -4.29
N THR B 387 -12.75 -10.22 -3.92
CA THR B 387 -12.56 -8.82 -3.59
C THR B 387 -11.49 -8.68 -2.54
N TRP B 388 -11.52 -9.56 -1.52
CA TRP B 388 -10.55 -9.45 -0.44
C TRP B 388 -9.16 -9.74 -0.98
N LEU B 389 -9.02 -10.84 -1.73
CA LEU B 389 -7.70 -11.20 -2.22
C LEU B 389 -7.13 -10.12 -3.14
N PHE B 390 -7.94 -9.59 -4.06
CA PHE B 390 -7.43 -8.52 -4.92
C PHE B 390 -7.06 -7.29 -4.11
N SER B 391 -7.89 -6.90 -3.14
N SER B 391 -7.90 -6.91 -3.15
CA SER B 391 -7.56 -5.68 -2.41
CA SER B 391 -7.58 -5.70 -2.39
C SER B 391 -6.28 -5.85 -1.58
C SER B 391 -6.29 -5.86 -1.60
N TRP B 392 -6.08 -7.03 -1.00
CA TRP B 392 -4.86 -7.26 -0.23
C TRP B 392 -3.63 -7.24 -1.15
N CYS B 393 -3.71 -7.95 -2.29
CA CYS B 393 -2.58 -7.96 -3.22
C CYS B 393 -2.33 -6.58 -3.79
N PHE B 394 -3.40 -5.82 -4.07
CA PHE B 394 -3.19 -4.47 -4.62
C PHE B 394 -2.48 -3.58 -3.61
N ALA B 395 -2.88 -3.66 -2.33
CA ALA B 395 -2.19 -2.84 -1.35
C ALA B 395 -0.70 -3.21 -1.28
N ARG B 396 -0.41 -4.50 -1.40
N ARG B 396 -0.40 -4.51 -1.40
CA ARG B 396 0.97 -5.00 -1.40
CA ARG B 396 0.99 -4.97 -1.40
C ARG B 396 1.75 -4.49 -2.62
C ARG B 396 1.76 -4.48 -2.63
N ARG B 397 1.06 -4.24 -3.75
CA ARG B 397 1.73 -3.65 -4.90
C ARG B 397 2.02 -2.17 -4.69
N GLY B 398 1.47 -1.56 -3.65
CA GLY B 398 1.57 -0.09 -3.45
C GLY B 398 0.40 0.68 -3.99
N TRP B 399 -0.66 0.01 -4.46
CA TRP B 399 -1.80 0.67 -5.09
C TRP B 399 -2.82 0.98 -4.01
N ALA B 400 -2.48 1.96 -3.18
CA ALA B 400 -3.24 2.12 -1.93
C ALA B 400 -4.68 2.53 -2.21
N GLU B 401 -4.87 3.50 -3.12
CA GLU B 401 -6.24 3.95 -3.42
C GLU B 401 -7.06 2.86 -4.10
N ARG B 402 -6.47 2.12 -5.07
CA ARG B 402 -7.18 1.01 -5.69
C ARG B 402 -7.62 -0.01 -4.66
N ALA B 403 -6.74 -0.34 -3.71
CA ALA B 403 -7.09 -1.33 -2.67
C ALA B 403 -8.20 -0.79 -1.79
N ARG B 404 -8.10 0.47 -1.44
CA ARG B 404 -9.10 1.08 -0.55
C ARG B 404 -10.48 1.08 -1.19
N LEU B 405 -10.55 1.39 -2.49
CA LEU B 405 -11.84 1.41 -3.18
C LEU B 405 -12.50 0.03 -3.20
N LEU B 406 -11.72 -1.01 -3.43
CA LEU B 406 -12.27 -2.36 -3.39
C LEU B 406 -12.78 -2.71 -2.00
N ARG B 407 -11.99 -2.38 -0.97
N ARG B 407 -12.00 -2.35 -0.99
CA ARG B 407 -12.43 -2.61 0.40
CA ARG B 407 -12.38 -2.58 0.40
C ARG B 407 -13.72 -1.87 0.68
C ARG B 407 -13.65 -1.82 0.77
N GLN B 408 -13.78 -0.58 0.30
CA GLN B 408 -14.99 0.21 0.58
C GLN B 408 -16.22 -0.38 -0.08
N GLU B 409 -16.10 -0.74 -1.36
CA GLU B 409 -17.24 -1.31 -2.08
C GLU B 409 -17.58 -2.68 -1.53
N GLY B 410 -16.55 -3.47 -1.13
CA GLY B 410 -16.85 -4.77 -0.57
C GLY B 410 -17.59 -4.67 0.75
N LEU B 411 -17.22 -3.67 1.58
CA LEU B 411 -17.95 -3.45 2.84
C LEU B 411 -19.35 -2.94 2.59
N ARG B 412 -19.53 -2.06 1.60
CA ARG B 412 -20.88 -1.62 1.26
C ARG B 412 -21.76 -2.80 0.88
N GLN B 413 -21.24 -3.65 -0.02
CA GLN B 413 -21.99 -4.84 -0.45
C GLN B 413 -22.30 -5.77 0.72
N ALA B 414 -21.35 -5.96 1.63
CA ALA B 414 -21.51 -6.86 2.77
C ALA B 414 -22.37 -6.28 3.88
N SER B 415 -22.77 -5.00 3.78
N SER B 415 -22.76 -5.00 3.79
CA SER B 415 -23.43 -4.33 4.89
CA SER B 415 -23.42 -4.36 4.92
C SER B 415 -24.89 -4.76 5.08
C SER B 415 -24.80 -4.95 5.20
N ASP B 416 -25.40 -5.67 4.25
CA ASP B 416 -26.69 -6.29 4.51
C ASP B 416 -26.60 -7.37 5.59
N GLY B 417 -25.39 -7.86 5.90
CA GLY B 417 -25.24 -8.86 6.94
C GLY B 417 -25.62 -10.27 6.54
N SER B 418 -25.83 -10.54 5.25
CA SER B 418 -26.11 -11.91 4.84
C SER B 418 -24.86 -12.77 4.82
N PHE B 419 -23.68 -12.15 4.71
CA PHE B 419 -22.41 -12.89 4.57
C PHE B 419 -22.53 -13.95 3.49
N ALA B 420 -23.02 -13.53 2.33
CA ALA B 420 -23.28 -14.46 1.24
C ALA B 420 -21.99 -14.92 0.57
N GLU B 421 -22.09 -16.09 -0.03
CA GLU B 421 -21.00 -16.69 -0.78
C GLU B 421 -20.65 -15.83 -1.99
N TYR B 422 -21.65 -15.38 -2.75
CA TYR B 422 -21.44 -14.44 -3.86
C TYR B 422 -22.71 -13.63 -4.04
N TYR B 423 -22.62 -12.58 -4.87
CA TYR B 423 -23.68 -11.59 -5.01
C TYR B 423 -23.98 -11.37 -6.49
N GLU B 424 -25.25 -11.19 -6.80
CA GLU B 424 -25.65 -10.86 -8.16
C GLU B 424 -25.02 -9.51 -8.53
N PRO B 425 -24.34 -9.39 -9.69
CA PRO B 425 -23.48 -8.21 -9.91
C PRO B 425 -24.26 -6.93 -10.22
N PHE B 426 -25.49 -7.04 -10.71
CA PHE B 426 -26.32 -5.90 -11.09
C PHE B 426 -27.27 -5.49 -9.98
N THR B 427 -27.89 -6.47 -9.29
CA THR B 427 -28.89 -6.17 -8.28
C THR B 427 -28.35 -6.24 -6.86
N GLY B 428 -27.19 -6.86 -6.66
CA GLY B 428 -26.67 -7.04 -5.31
C GLY B 428 -27.37 -8.13 -4.50
N GLU B 429 -28.26 -8.89 -5.11
CA GLU B 429 -28.93 -9.99 -4.42
C GLU B 429 -27.89 -10.98 -3.87
N PRO B 430 -27.98 -11.34 -2.59
CA PRO B 430 -27.11 -12.40 -2.08
C PRO B 430 -27.48 -13.77 -2.64
N LEU B 431 -26.46 -14.53 -3.03
CA LEU B 431 -26.60 -15.80 -3.72
C LEU B 431 -25.71 -16.86 -3.07
N GLY B 432 -25.90 -18.11 -3.48
CA GLY B 432 -25.12 -19.17 -2.87
C GLY B 432 -25.54 -19.38 -1.43
N SER B 433 -24.59 -19.85 -0.62
CA SER B 433 -24.87 -20.08 0.79
C SER B 433 -24.85 -18.75 1.52
N MET B 434 -25.80 -18.59 2.45
CA MET B 434 -25.65 -17.53 3.42
C MET B 434 -24.68 -18.00 4.50
N GLN B 435 -24.22 -17.08 5.34
CA GLN B 435 -23.40 -17.46 6.49
C GLN B 435 -22.09 -18.11 6.05
N GLN B 436 -21.52 -17.58 4.97
CA GLN B 436 -20.29 -18.12 4.41
C GLN B 436 -19.10 -17.62 5.21
N SER B 437 -18.30 -18.54 5.73
CA SER B 437 -17.25 -18.17 6.68
C SER B 437 -16.23 -17.20 6.08
N TRP B 438 -15.77 -17.43 4.83
CA TRP B 438 -14.73 -16.54 4.35
C TRP B 438 -15.30 -15.18 3.98
N THR B 439 -16.62 -15.05 3.81
CA THR B 439 -17.16 -13.70 3.64
C THR B 439 -17.12 -12.94 4.96
N ALA B 440 -17.48 -13.59 6.06
CA ALA B 440 -17.33 -12.95 7.37
C ALA B 440 -15.87 -12.64 7.67
N ALA B 441 -14.96 -13.55 7.30
CA ALA B 441 -13.54 -13.29 7.51
C ALA B 441 -13.08 -12.04 6.74
N ALA B 442 -13.48 -11.91 5.47
CA ALA B 442 -13.12 -10.71 4.71
C ALA B 442 -13.58 -9.47 5.43
N VAL B 443 -14.83 -9.48 5.90
CA VAL B 443 -15.38 -8.31 6.57
C VAL B 443 -14.59 -8.01 7.83
N LEU B 444 -14.27 -9.05 8.61
CA LEU B 444 -13.51 -8.87 9.85
C LEU B 444 -12.11 -8.32 9.57
N ASP B 445 -11.44 -8.82 8.53
CA ASP B 445 -10.12 -8.28 8.22
C ASP B 445 -10.21 -6.82 7.79
N TRP B 446 -11.21 -6.48 6.98
CA TRP B 446 -11.36 -5.12 6.47
C TRP B 446 -11.71 -4.12 7.57
N LEU B 447 -12.65 -4.45 8.44
N LEU B 447 -12.23 -4.63 8.72
CA LEU B 447 -13.16 -3.40 9.31
CA LEU B 447 -12.60 -3.91 9.94
C LEU B 447 -12.06 -2.90 10.24
C LEU B 447 -11.85 -4.32 11.21
N GLY B 448 -11.08 -3.75 10.54
N GLY B 448 -10.97 -5.32 11.16
CA GLY B 448 -10.03 -3.39 11.49
CA GLY B 448 -10.37 -5.85 12.37
C GLY B 448 -10.63 -2.92 12.79
C GLY B 448 -9.03 -5.28 12.79
#